data_1CVX
# 
_entry.id   1CVX 
# 
_audit_conform.dict_name       mmcif_pdbx.dic 
_audit_conform.dict_version    5.385 
_audit_conform.dict_location   http://mmcif.pdb.org/dictionaries/ascii/mmcif_pdbx.dic 
# 
loop_
_database_2.database_id 
_database_2.database_code 
_database_2.pdbx_database_accession 
_database_2.pdbx_DOI 
PDB   1CVX         pdb_00001cvx 10.2210/pdb1cvx/pdb 
NDB   DD0020       ?            ?                   
RCSB  RCSB009574   ?            ?                   
WWPDB D_1000009574 ?            ?                   
# 
loop_
_pdbx_audit_revision_history.ordinal 
_pdbx_audit_revision_history.data_content_type 
_pdbx_audit_revision_history.major_revision 
_pdbx_audit_revision_history.minor_revision 
_pdbx_audit_revision_history.revision_date 
1 'Structure model' 1 0 2000-01-15 
2 'Structure model' 1 1 2008-04-27 
3 'Structure model' 1 2 2011-07-13 
4 'Structure model' 1 3 2024-02-07 
# 
_pdbx_audit_revision_details.ordinal             1 
_pdbx_audit_revision_details.revision_ordinal    1 
_pdbx_audit_revision_details.data_content_type   'Structure model' 
_pdbx_audit_revision_details.provider            repository 
_pdbx_audit_revision_details.type                'Initial release' 
_pdbx_audit_revision_details.description         ? 
_pdbx_audit_revision_details.details             ? 
# 
loop_
_pdbx_audit_revision_group.ordinal 
_pdbx_audit_revision_group.revision_ordinal 
_pdbx_audit_revision_group.data_content_type 
_pdbx_audit_revision_group.group 
1 2 'Structure model' 'Version format compliance' 
2 3 'Structure model' 'Version format compliance' 
3 4 'Structure model' 'Data collection'           
4 4 'Structure model' 'Database references'       
5 4 'Structure model' 'Derived calculations'      
# 
loop_
_pdbx_audit_revision_category.ordinal 
_pdbx_audit_revision_category.revision_ordinal 
_pdbx_audit_revision_category.data_content_type 
_pdbx_audit_revision_category.category 
1 4 'Structure model' chem_comp_atom 
2 4 'Structure model' chem_comp_bond 
3 4 'Structure model' database_2     
4 4 'Structure model' struct_site    
# 
loop_
_pdbx_audit_revision_item.ordinal 
_pdbx_audit_revision_item.revision_ordinal 
_pdbx_audit_revision_item.data_content_type 
_pdbx_audit_revision_item.item 
1 4 'Structure model' '_database_2.pdbx_DOI'                
2 4 'Structure model' '_database_2.pdbx_database_accession' 
3 4 'Structure model' '_struct_site.pdbx_auth_asym_id'      
4 4 'Structure model' '_struct_site.pdbx_auth_comp_id'      
5 4 'Structure model' '_struct_site.pdbx_auth_seq_id'       
# 
_pdbx_database_status.status_code                     REL 
_pdbx_database_status.entry_id                        1CVX 
_pdbx_database_status.recvd_initial_deposition_date   1999-08-24 
_pdbx_database_status.deposit_site                    RCSB 
_pdbx_database_status.process_site                    NDB 
_pdbx_database_status.SG_entry                        . 
_pdbx_database_status.pdb_format_compatible           Y 
_pdbx_database_status.status_code_mr                  ? 
_pdbx_database_status.status_code_sf                  ? 
_pdbx_database_status.status_code_cs                  ? 
_pdbx_database_status.status_code_nmr_data            ? 
_pdbx_database_status.methods_development_category    ? 
# 
loop_
_audit_author.name 
_audit_author.pdbx_ordinal 
'Kielkopf, C.L.' 1 
'Bremer, R.E.'   2 
'White, S.'      3 
'Baird, E.E.'    4 
'Dervan, P.B.'   5 
'Rees, D.C.'     6 
# 
_citation.id                        primary 
_citation.title                     
'Structural effects of DNA sequence on T.A recognition by hydroxypyrrole/pyrrole pairs in the minor groove.' 
_citation.journal_abbrev            J.Mol.Biol. 
_citation.journal_volume            295 
_citation.page_first                557 
_citation.page_last                 567 
_citation.year                      2000 
_citation.journal_id_ASTM           JMOBAK 
_citation.country                   UK 
_citation.journal_id_ISSN           0022-2836 
_citation.journal_id_CSD            0070 
_citation.book_publisher            ? 
_citation.pdbx_database_id_PubMed   10623546 
_citation.pdbx_database_id_DOI      10.1006/jmbi.1999.3364 
# 
loop_
_citation_author.citation_id 
_citation_author.name 
_citation_author.ordinal 
_citation_author.identifier_ORCID 
primary 'Kielkopf, C.L.' 1 ? 
primary 'Bremer, R.E.'   2 ? 
primary 'White, S.'      3 ? 
primary 'Szewczyk, J.W.' 4 ? 
primary 'Turner, J.M.'   5 ? 
primary 'Baird, E.E.'    6 ? 
primary 'Dervan, P.B.'   7 ? 
primary 'Rees, D.C.'     8 ? 
# 
loop_
_entity.id 
_entity.type 
_entity.src_method 
_entity.pdbx_description 
_entity.formula_weight 
_entity.pdbx_number_of_molecules 
_entity.pdbx_ec 
_entity.pdbx_mutation 
_entity.pdbx_fragment 
_entity.details 
1 polymer     syn "5'-D(*CP*CP*AP*GP*AP*TP*CP*TP*GP*G)-3'"     3045.004 2  ? ? ? ? 
2 non-polymer syn 'HYDROXYPYRROLE-IMIDAZOLE-PYRROLE POLYAMIDE' 663.727  2  ? ? ? ? 
3 water       nat water                                        18.015   30 ? ? ? ? 
# 
_entity_poly.entity_id                      1 
_entity_poly.type                           polydeoxyribonucleotide 
_entity_poly.nstd_linkage                   no 
_entity_poly.nstd_monomer                   no 
_entity_poly.pdbx_seq_one_letter_code       '(DC)(DC)(DA)(DG)(DA)(DT)(DC)(DT)(DG)(DG)' 
_entity_poly.pdbx_seq_one_letter_code_can   CCAGATCTGG 
_entity_poly.pdbx_strand_id                 A,B 
_entity_poly.pdbx_target_identifier         ? 
# 
loop_
_pdbx_entity_nonpoly.entity_id 
_pdbx_entity_nonpoly.name 
_pdbx_entity_nonpoly.comp_id 
2 'HYDROXYPYRROLE-IMIDAZOLE-PYRROLE POLYAMIDE' HP2 
3 water                                        HOH 
# 
loop_
_entity_poly_seq.entity_id 
_entity_poly_seq.num 
_entity_poly_seq.mon_id 
_entity_poly_seq.hetero 
1 1  DC n 
1 2  DC n 
1 3  DA n 
1 4  DG n 
1 5  DA n 
1 6  DT n 
1 7  DC n 
1 8  DT n 
1 9  DG n 
1 10 DG n 
# 
loop_
_chem_comp.id 
_chem_comp.type 
_chem_comp.mon_nstd_flag 
_chem_comp.name 
_chem_comp.pdbx_synonyms 
_chem_comp.formula 
_chem_comp.formula_weight 
DA  'DNA linking' y "2'-DEOXYADENOSINE-5'-MONOPHOSPHATE"         ? 'C10 H14 N5 O6 P' 331.222 
DC  'DNA linking' y "2'-DEOXYCYTIDINE-5'-MONOPHOSPHATE"          ? 'C9 H14 N3 O7 P'  307.197 
DG  'DNA linking' y "2'-DEOXYGUANOSINE-5'-MONOPHOSPHATE"         ? 'C10 H14 N5 O7 P' 347.221 
DT  'DNA linking' y "THYMIDINE-5'-MONOPHOSPHATE"                 ? 'C10 H15 N2 O8 P' 322.208 
HOH non-polymer   . WATER                                        ? 'H2 O'            18.015  
HP2 non-polymer   . 'HYDROXYPYRROLE-IMIDAZOLE-PYRROLE POLYAMIDE' 
'IMIDAZOLE-PYRROLE-HYDROXYPYRROLE-PYRROLE-BETA ALANINE-DIMETHYLAMINO PROPYLAMIDE' 'C31 H41 N11 O6'  663.727 
# 
loop_
_pdbx_poly_seq_scheme.asym_id 
_pdbx_poly_seq_scheme.entity_id 
_pdbx_poly_seq_scheme.seq_id 
_pdbx_poly_seq_scheme.mon_id 
_pdbx_poly_seq_scheme.ndb_seq_num 
_pdbx_poly_seq_scheme.pdb_seq_num 
_pdbx_poly_seq_scheme.auth_seq_num 
_pdbx_poly_seq_scheme.pdb_mon_id 
_pdbx_poly_seq_scheme.auth_mon_id 
_pdbx_poly_seq_scheme.pdb_strand_id 
_pdbx_poly_seq_scheme.pdb_ins_code 
_pdbx_poly_seq_scheme.hetero 
A 1 1  DC 1  1  1  DC C A . n 
A 1 2  DC 2  2  2  DC C A . n 
A 1 3  DA 3  3  3  DA A A . n 
A 1 4  DG 4  4  4  DG G A . n 
A 1 5  DA 5  5  5  DA A A . n 
A 1 6  DT 6  6  6  DT T A . n 
A 1 7  DC 7  7  7  DC C A . n 
A 1 8  DT 8  8  8  DT T A . n 
A 1 9  DG 9  9  9  DG G A . n 
A 1 10 DG 10 10 10 DG G A . n 
B 1 1  DC 1  1  1  DC C B . n 
B 1 2  DC 2  2  2  DC C B . n 
B 1 3  DA 3  3  3  DA A B . n 
B 1 4  DG 4  4  4  DG G B . n 
B 1 5  DA 5  5  5  DA A B . n 
B 1 6  DT 6  6  6  DT T B . n 
B 1 7  DC 7  7  7  DC C B . n 
B 1 8  DT 8  8  8  DT T B . n 
B 1 9  DG 9  9  9  DG G B . n 
B 1 10 DG 10 10 10 DG G B . n 
# 
loop_
_pdbx_nonpoly_scheme.asym_id 
_pdbx_nonpoly_scheme.entity_id 
_pdbx_nonpoly_scheme.mon_id 
_pdbx_nonpoly_scheme.ndb_seq_num 
_pdbx_nonpoly_scheme.pdb_seq_num 
_pdbx_nonpoly_scheme.auth_seq_num 
_pdbx_nonpoly_scheme.pdb_mon_id 
_pdbx_nonpoly_scheme.auth_mon_id 
_pdbx_nonpoly_scheme.pdb_strand_id 
_pdbx_nonpoly_scheme.pdb_ins_code 
C 2 HP2 1  12 12 HP2 HP2 A . 
D 2 HP2 1  11 11 HP2 HP2 B . 
E 3 HOH 1  23 23 HOH HOH A . 
E 3 HOH 2  24 24 HOH HOH A . 
E 3 HOH 3  25 25 HOH HOH A . 
E 3 HOH 4  26 26 HOH HOH A . 
E 3 HOH 5  27 27 HOH HOH A . 
E 3 HOH 6  31 31 HOH HOH A . 
E 3 HOH 7  32 32 HOH HOH A . 
E 3 HOH 8  34 34 HOH HOH A . 
E 3 HOH 9  36 36 HOH HOH A . 
E 3 HOH 10 37 37 HOH HOH A . 
E 3 HOH 11 42 42 HOH HOH A . 
E 3 HOH 12 44 44 HOH HOH A . 
E 3 HOH 13 48 48 HOH HOH A . 
E 3 HOH 14 50 50 HOH HOH A . 
E 3 HOH 15 51 51 HOH HOH A . 
E 3 HOH 16 56 56 HOH HOH A . 
E 3 HOH 17 60 60 HOH HOH A . 
E 3 HOH 18 67 67 HOH HOH A . 
E 3 HOH 19 68 68 HOH HOH A . 
E 3 HOH 20 70 70 HOH HOH A . 
F 3 HOH 1  29 29 HOH HOH B . 
F 3 HOH 2  30 30 HOH HOH B . 
F 3 HOH 3  33 33 HOH HOH B . 
F 3 HOH 4  38 38 HOH HOH B . 
F 3 HOH 5  40 40 HOH HOH B . 
F 3 HOH 6  41 41 HOH HOH B . 
F 3 HOH 7  53 53 HOH HOH B . 
F 3 HOH 8  61 61 HOH HOH B . 
F 3 HOH 9  63 63 HOH HOH B . 
F 3 HOH 10 71 71 HOH HOH B . 
# 
loop_
_software.name 
_software.classification 
_software.version 
_software.citation_id 
_software.pdbx_ordinal 
AMoRE     phasing          . ? 1 
CNS       refinement       . ? 2 
DENZO     'data reduction' . ? 3 
SCALEPACK 'data scaling'   . ? 4 
# 
_cell.entry_id           1CVX 
_cell.length_a           34.200 
_cell.length_b           34.200 
_cell.length_c           46.100 
_cell.angle_alpha        90.00 
_cell.angle_beta         90.00 
_cell.angle_gamma        120.00 
_cell.Z_PDB              6 
_cell.pdbx_unique_axis   ? 
# 
_symmetry.entry_id                         1CVX 
_symmetry.space_group_name_H-M             'P 31' 
_symmetry.pdbx_full_space_group_name_H-M   ? 
_symmetry.cell_setting                     trigonal 
_symmetry.Int_Tables_number                144 
# 
_exptl.entry_id          1CVX 
_exptl.method            'X-RAY DIFFRACTION' 
_exptl.crystals_number   1 
# 
_exptl_crystal.id                    1 
_exptl_crystal.density_meas          ? 
_exptl_crystal.density_percent_sol   49.85 
_exptl_crystal.density_Matthews      2.45 
_exptl_crystal.description           ? 
# 
_exptl_crystal_grow.crystal_id      1 
_exptl_crystal_grow.method          'VAPOR DIFFUSION, SITTING DROP' 
_exptl_crystal_grow.temp            277.0 
_exptl_crystal_grow.temp_details    ? 
_exptl_crystal_grow.pH              8.1 
_exptl_crystal_grow.pdbx_details    'CALCIUM ACETATE, TRIS, MPD, pH 8.1, VAPOR DIFFUSION, SITTING DROP, temperature 277.0K' 
_exptl_crystal_grow.pdbx_pH_range   ? 
# 
loop_
_exptl_crystal_grow_comp.crystal_id 
_exptl_crystal_grow_comp.id 
_exptl_crystal_grow_comp.sol_id 
_exptl_crystal_grow_comp.name 
_exptl_crystal_grow_comp.volume 
_exptl_crystal_grow_comp.conc 
_exptl_crystal_grow_comp.details 
1 1 1 'CALCIUM ACETATE' ? ? ? 
1 2 1 TRIS              ? ? ? 
1 3 1 MPD               ? ? ? 
1 4 2 MPD               ? ? ? 
# 
_diffrn.id                     1 
_diffrn.ambient_temp           103 
_diffrn.ambient_temp_details   ? 
_diffrn.crystal_id             1 
# 
_diffrn_detector.diffrn_id              1 
_diffrn_detector.detector               'IMAGE PLATE' 
_diffrn_detector.type                   'RIGAKU RAXIS IV' 
_diffrn_detector.pdbx_collection_date   ? 
_diffrn_detector.details                ? 
# 
_diffrn_radiation.diffrn_id                        1 
_diffrn_radiation.wavelength_id                    1 
_diffrn_radiation.pdbx_monochromatic_or_laue_m_l   M 
_diffrn_radiation.monochromator                    ? 
_diffrn_radiation.pdbx_diffrn_protocol             'SINGLE WAVELENGTH' 
_diffrn_radiation.pdbx_scattering_type             x-ray 
# 
_diffrn_radiation_wavelength.id           1 
_diffrn_radiation_wavelength.wavelength   1.5418 
_diffrn_radiation_wavelength.wt           1.0 
# 
_diffrn_source.diffrn_id                   1 
_diffrn_source.source                      'ROTATING ANODE' 
_diffrn_source.type                        RIGAKU 
_diffrn_source.pdbx_synchrotron_site       ? 
_diffrn_source.pdbx_synchrotron_beamline   ? 
_diffrn_source.pdbx_wavelength             1.5418 
_diffrn_source.pdbx_wavelength_list        ? 
# 
_reflns.entry_id                     1CVX 
_reflns.observed_criterion_sigma_I   0 
_reflns.observed_criterion_sigma_F   ? 
_reflns.d_resolution_low             17.0 
_reflns.d_resolution_high            2.27 
_reflns.number_obs                   2680 
_reflns.number_all                   2680 
_reflns.percent_possible_obs         96.1 
_reflns.pdbx_Rmerge_I_obs            0.0230000 
_reflns.pdbx_Rsym_value              ? 
_reflns.pdbx_netI_over_sigmaI        42.3 
_reflns.B_iso_Wilson_estimate        ? 
_reflns.pdbx_redundancy              2.7 
_reflns.R_free_details               ? 
_reflns.pdbx_diffrn_id               1 
_reflns.pdbx_ordinal                 1 
# 
_reflns_shell.d_res_high             2.27 
_reflns_shell.d_res_low              2.35 
_reflns_shell.percent_possible_all   87.0 
_reflns_shell.Rmerge_I_obs           0.2040000 
_reflns_shell.pdbx_Rsym_value        ? 
_reflns_shell.meanI_over_sigI_obs    ? 
_reflns_shell.pdbx_redundancy        ? 
_reflns_shell.percent_possible_obs   ? 
_reflns_shell.number_unique_all      ? 
_reflns_shell.pdbx_diffrn_id         ? 
_reflns_shell.pdbx_ordinal           1 
# 
_refine.entry_id                                 1CVX 
_refine.ls_number_reflns_obs                     2680 
_refine.ls_number_reflns_all                     2680 
_refine.pdbx_ls_sigma_I                          0 
_refine.pdbx_ls_sigma_F                          0 
_refine.pdbx_data_cutoff_high_absF               ? 
_refine.pdbx_data_cutoff_low_absF                ? 
_refine.pdbx_data_cutoff_high_rms_absF           ? 
_refine.ls_d_res_low                             17.0 
_refine.ls_d_res_high                            2.27 
_refine.ls_percent_reflns_obs                    ? 
_refine.ls_R_factor_obs                          0.2370000 
_refine.ls_R_factor_all                          ? 
_refine.ls_R_factor_R_work                       0.2370000 
_refine.ls_R_factor_R_free                       0.2380000 
_refine.ls_R_factor_R_free_error                 ? 
_refine.ls_R_factor_R_free_error_details         ? 
_refine.ls_percent_reflns_R_free                 5 
_refine.ls_number_reflns_R_free                  134 
_refine.ls_number_parameters                     ? 
_refine.ls_number_restraints                     ? 
_refine.occupancy_min                            ? 
_refine.occupancy_max                            ? 
_refine.B_iso_mean                               ? 
_refine.aniso_B[1][1]                            ? 
_refine.aniso_B[2][2]                            ? 
_refine.aniso_B[3][3]                            ? 
_refine.aniso_B[1][2]                            ? 
_refine.aniso_B[1][3]                            ? 
_refine.aniso_B[2][3]                            ? 
_refine.solvent_model_details                    ? 
_refine.solvent_model_param_ksol                 ? 
_refine.solvent_model_param_bsol                 ? 
_refine.pdbx_ls_cross_valid_method               THROUGHOUT 
_refine.details                                  ? 
_refine.pdbx_starting_model                      ? 
_refine.pdbx_method_to_determine_struct          ? 
_refine.pdbx_isotropic_thermal_model             ? 
_refine.pdbx_stereochemistry_target_values       ? 
_refine.pdbx_stereochem_target_val_spec_case     ? 
_refine.pdbx_R_Free_selection_details            RANDOM 
_refine.pdbx_overall_ESU_R                       ? 
_refine.pdbx_overall_ESU_R_Free                  ? 
_refine.overall_SU_ML                            ? 
_refine.overall_SU_B                             ? 
_refine.ls_redundancy_reflns_obs                 ? 
_refine.correlation_coeff_Fo_to_Fc               ? 
_refine.correlation_coeff_Fo_to_Fc_free          ? 
_refine.overall_SU_R_Cruickshank_DPI             ? 
_refine.overall_SU_R_free                        ? 
_refine.pdbx_refine_id                           'X-RAY DIFFRACTION' 
_refine.pdbx_diffrn_id                           1 
_refine.pdbx_TLS_residual_ADP_flag               ? 
_refine.pdbx_solvent_vdw_probe_radii             ? 
_refine.pdbx_solvent_ion_probe_radii             ? 
_refine.pdbx_solvent_shrinkage_radii             ? 
_refine.pdbx_overall_phase_error                 ? 
_refine.pdbx_overall_SU_R_free_Cruickshank_DPI   ? 
_refine.pdbx_overall_SU_R_Blow_DPI               ? 
_refine.pdbx_overall_SU_R_free_Blow_DPI          ? 
# 
_refine_hist.pdbx_refine_id                   'X-RAY DIFFRACTION' 
_refine_hist.cycle_id                         LAST 
_refine_hist.pdbx_number_atoms_protein        0 
_refine_hist.pdbx_number_atoms_nucleic_acid   404 
_refine_hist.pdbx_number_atoms_ligand         106 
_refine_hist.number_atoms_solvent             30 
_refine_hist.number_atoms_total               540 
_refine_hist.d_res_high                       2.27 
_refine_hist.d_res_low                        17.0 
# 
loop_
_refine_ls_restr.type 
_refine_ls_restr.dev_ideal 
_refine_ls_restr.dev_ideal_target 
_refine_ls_restr.weight 
_refine_ls_restr.number 
_refine_ls_restr.pdbx_refine_id 
_refine_ls_restr.pdbx_restraint_function 
c_bond_d                0.02 ? ? ? 'X-RAY DIFFRACTION' ? 
c_bond_d_na             ?    ? ? ? 'X-RAY DIFFRACTION' ? 
c_bond_d_prot           ?    ? ? ? 'X-RAY DIFFRACTION' ? 
c_angle_d               ?    ? ? ? 'X-RAY DIFFRACTION' ? 
c_angle_d_na            ?    ? ? ? 'X-RAY DIFFRACTION' ? 
c_angle_d_prot          ?    ? ? ? 'X-RAY DIFFRACTION' ? 
c_angle_deg             2.1  ? ? ? 'X-RAY DIFFRACTION' ? 
c_angle_deg_na          ?    ? ? ? 'X-RAY DIFFRACTION' ? 
c_angle_deg_prot        ?    ? ? ? 'X-RAY DIFFRACTION' ? 
c_dihedral_angle_d      ?    ? ? ? 'X-RAY DIFFRACTION' ? 
c_dihedral_angle_d_na   ?    ? ? ? 'X-RAY DIFFRACTION' ? 
c_dihedral_angle_d_prot ?    ? ? ? 'X-RAY DIFFRACTION' ? 
c_improper_angle_d      ?    ? ? ? 'X-RAY DIFFRACTION' ? 
c_improper_angle_d_na   ?    ? ? ? 'X-RAY DIFFRACTION' ? 
c_improper_angle_d_prot ?    ? ? ? 'X-RAY DIFFRACTION' ? 
c_mcbond_it             ?    ? ? ? 'X-RAY DIFFRACTION' ? 
c_mcangle_it            ?    ? ? ? 'X-RAY DIFFRACTION' ? 
c_scbond_it             ?    ? ? ? 'X-RAY DIFFRACTION' ? 
c_scangle_it            ?    ? ? ? 'X-RAY DIFFRACTION' ? 
# 
_struct.entry_id                  1CVX 
_struct.title                     'CRYSTAL STRUCTURE OF POLYAMIDE DIMER (IMPYHPPYBETADP)2 BOUND TO B-DNA DECAMER CCAGATCTGG' 
_struct.pdbx_model_details        ? 
_struct.pdbx_CASP_flag            ? 
_struct.pdbx_model_type_details   ? 
# 
_struct_keywords.entry_id        1CVX 
_struct_keywords.pdbx_keywords   DNA 
_struct_keywords.text            'POLYAMIDE, MINOR GROOVE RECOGNITION, TA RECOGNITION, DOUBLE DRUG IN MINOR GROOVE, DNA' 
# 
loop_
_struct_asym.id 
_struct_asym.pdbx_blank_PDB_chainid_flag 
_struct_asym.pdbx_modified 
_struct_asym.entity_id 
_struct_asym.details 
A N N 1 ? 
B N N 1 ? 
C N N 2 ? 
D N N 2 ? 
E N N 3 ? 
F N N 3 ? 
# 
_struct_ref.id                         1 
_struct_ref.entity_id                  1 
_struct_ref.db_name                    PDB 
_struct_ref.db_code                    1CVX 
_struct_ref.pdbx_db_accession          1CVX 
_struct_ref.pdbx_db_isoform            ? 
_struct_ref.pdbx_seq_one_letter_code   ? 
_struct_ref.pdbx_align_begin           ? 
# 
loop_
_struct_ref_seq.align_id 
_struct_ref_seq.ref_id 
_struct_ref_seq.pdbx_PDB_id_code 
_struct_ref_seq.pdbx_strand_id 
_struct_ref_seq.seq_align_beg 
_struct_ref_seq.pdbx_seq_align_beg_ins_code 
_struct_ref_seq.seq_align_end 
_struct_ref_seq.pdbx_seq_align_end_ins_code 
_struct_ref_seq.pdbx_db_accession 
_struct_ref_seq.db_align_beg 
_struct_ref_seq.pdbx_db_align_beg_ins_code 
_struct_ref_seq.db_align_end 
_struct_ref_seq.pdbx_db_align_end_ins_code 
_struct_ref_seq.pdbx_auth_seq_align_beg 
_struct_ref_seq.pdbx_auth_seq_align_end 
1 1 1CVX A 1 ? 10 ? 1CVX 1 ? 10 ? 1 10 
2 1 1CVX B 1 ? 10 ? 1CVX 1 ? 10 ? 1 10 
# 
_pdbx_struct_assembly.id                   1 
_pdbx_struct_assembly.details              author_defined_assembly 
_pdbx_struct_assembly.method_details       ? 
_pdbx_struct_assembly.oligomeric_details   dimeric 
_pdbx_struct_assembly.oligomeric_count     2 
# 
_pdbx_struct_assembly_gen.assembly_id       1 
_pdbx_struct_assembly_gen.oper_expression   1 
_pdbx_struct_assembly_gen.asym_id_list      A,B,C,D,E,F 
# 
_pdbx_struct_oper_list.id                   1 
_pdbx_struct_oper_list.type                 'identity operation' 
_pdbx_struct_oper_list.name                 1_555 
_pdbx_struct_oper_list.symmetry_operation   x,y,z 
_pdbx_struct_oper_list.matrix[1][1]         1.0000000000 
_pdbx_struct_oper_list.matrix[1][2]         0.0000000000 
_pdbx_struct_oper_list.matrix[1][3]         0.0000000000 
_pdbx_struct_oper_list.vector[1]            0.0000000000 
_pdbx_struct_oper_list.matrix[2][1]         0.0000000000 
_pdbx_struct_oper_list.matrix[2][2]         1.0000000000 
_pdbx_struct_oper_list.matrix[2][3]         0.0000000000 
_pdbx_struct_oper_list.vector[2]            0.0000000000 
_pdbx_struct_oper_list.matrix[3][1]         0.0000000000 
_pdbx_struct_oper_list.matrix[3][2]         0.0000000000 
_pdbx_struct_oper_list.matrix[3][3]         1.0000000000 
_pdbx_struct_oper_list.vector[3]            0.0000000000 
# 
_struct_biol.id                    1 
_struct_biol.pdbx_parent_biol_id   ? 
_struct_biol.details               ? 
# 
loop_
_struct_conn.id 
_struct_conn.conn_type_id 
_struct_conn.pdbx_leaving_atom_flag 
_struct_conn.pdbx_PDB_id 
_struct_conn.ptnr1_label_asym_id 
_struct_conn.ptnr1_label_comp_id 
_struct_conn.ptnr1_label_seq_id 
_struct_conn.ptnr1_label_atom_id 
_struct_conn.pdbx_ptnr1_label_alt_id 
_struct_conn.pdbx_ptnr1_PDB_ins_code 
_struct_conn.pdbx_ptnr1_standard_comp_id 
_struct_conn.ptnr1_symmetry 
_struct_conn.ptnr2_label_asym_id 
_struct_conn.ptnr2_label_comp_id 
_struct_conn.ptnr2_label_seq_id 
_struct_conn.ptnr2_label_atom_id 
_struct_conn.pdbx_ptnr2_label_alt_id 
_struct_conn.pdbx_ptnr2_PDB_ins_code 
_struct_conn.ptnr1_auth_asym_id 
_struct_conn.ptnr1_auth_comp_id 
_struct_conn.ptnr1_auth_seq_id 
_struct_conn.ptnr2_auth_asym_id 
_struct_conn.ptnr2_auth_comp_id 
_struct_conn.ptnr2_auth_seq_id 
_struct_conn.ptnr2_symmetry 
_struct_conn.pdbx_ptnr3_label_atom_id 
_struct_conn.pdbx_ptnr3_label_seq_id 
_struct_conn.pdbx_ptnr3_label_comp_id 
_struct_conn.pdbx_ptnr3_label_asym_id 
_struct_conn.pdbx_ptnr3_label_alt_id 
_struct_conn.pdbx_ptnr3_PDB_ins_code 
_struct_conn.details 
_struct_conn.pdbx_dist_value 
_struct_conn.pdbx_value_order 
_struct_conn.pdbx_role 
hydrog1  hydrog ? ? A DC 1  N3 ? ? ? 1_555 B DG 10 N1 ? ? A DC 1  B DG 10 1_555 ? ? ? ? ? ? WATSON-CRICK ? ? ? 
hydrog2  hydrog ? ? A DC 1  N4 ? ? ? 1_555 B DG 10 O6 ? ? A DC 1  B DG 10 1_555 ? ? ? ? ? ? WATSON-CRICK ? ? ? 
hydrog3  hydrog ? ? A DC 1  O2 ? ? ? 1_555 B DG 10 N2 ? ? A DC 1  B DG 10 1_555 ? ? ? ? ? ? WATSON-CRICK ? ? ? 
hydrog4  hydrog ? ? A DC 2  N3 ? ? ? 1_555 B DG 9  N1 ? ? A DC 2  B DG 9  1_555 ? ? ? ? ? ? WATSON-CRICK ? ? ? 
hydrog5  hydrog ? ? A DC 2  N4 ? ? ? 1_555 B DG 9  O6 ? ? A DC 2  B DG 9  1_555 ? ? ? ? ? ? WATSON-CRICK ? ? ? 
hydrog6  hydrog ? ? A DC 2  O2 ? ? ? 1_555 B DG 9  N2 ? ? A DC 2  B DG 9  1_555 ? ? ? ? ? ? WATSON-CRICK ? ? ? 
hydrog7  hydrog ? ? A DA 3  N1 ? ? ? 1_555 B DT 8  N3 ? ? A DA 3  B DT 8  1_555 ? ? ? ? ? ? WATSON-CRICK ? ? ? 
hydrog8  hydrog ? ? A DA 3  N6 ? ? ? 1_555 B DT 8  O4 ? ? A DA 3  B DT 8  1_555 ? ? ? ? ? ? WATSON-CRICK ? ? ? 
hydrog9  hydrog ? ? A DG 4  N1 ? ? ? 1_555 B DC 7  N3 ? ? A DG 4  B DC 7  1_555 ? ? ? ? ? ? WATSON-CRICK ? ? ? 
hydrog10 hydrog ? ? A DG 4  N2 ? ? ? 1_555 B DC 7  O2 ? ? A DG 4  B DC 7  1_555 ? ? ? ? ? ? WATSON-CRICK ? ? ? 
hydrog11 hydrog ? ? A DG 4  O6 ? ? ? 1_555 B DC 7  N4 ? ? A DG 4  B DC 7  1_555 ? ? ? ? ? ? WATSON-CRICK ? ? ? 
hydrog12 hydrog ? ? A DA 5  N1 ? ? ? 1_555 B DT 6  N3 ? ? A DA 5  B DT 6  1_555 ? ? ? ? ? ? WATSON-CRICK ? ? ? 
hydrog13 hydrog ? ? A DA 5  N6 ? ? ? 1_555 B DT 6  O4 ? ? A DA 5  B DT 6  1_555 ? ? ? ? ? ? WATSON-CRICK ? ? ? 
hydrog14 hydrog ? ? A DT 6  N3 ? ? ? 1_555 B DA 5  N1 ? ? A DT 6  B DA 5  1_555 ? ? ? ? ? ? WATSON-CRICK ? ? ? 
hydrog15 hydrog ? ? A DT 6  O4 ? ? ? 1_555 B DA 5  N6 ? ? A DT 6  B DA 5  1_555 ? ? ? ? ? ? WATSON-CRICK ? ? ? 
hydrog16 hydrog ? ? A DC 7  N3 ? ? ? 1_555 B DG 4  N1 ? ? A DC 7  B DG 4  1_555 ? ? ? ? ? ? WATSON-CRICK ? ? ? 
hydrog17 hydrog ? ? A DC 7  N4 ? ? ? 1_555 B DG 4  O6 ? ? A DC 7  B DG 4  1_555 ? ? ? ? ? ? WATSON-CRICK ? ? ? 
hydrog18 hydrog ? ? A DC 7  O2 ? ? ? 1_555 B DG 4  N2 ? ? A DC 7  B DG 4  1_555 ? ? ? ? ? ? WATSON-CRICK ? ? ? 
hydrog19 hydrog ? ? A DT 8  N3 ? ? ? 1_555 B DA 3  N1 ? ? A DT 8  B DA 3  1_555 ? ? ? ? ? ? WATSON-CRICK ? ? ? 
hydrog20 hydrog ? ? A DT 8  O4 ? ? ? 1_555 B DA 3  N6 ? ? A DT 8  B DA 3  1_555 ? ? ? ? ? ? WATSON-CRICK ? ? ? 
hydrog21 hydrog ? ? A DG 9  N1 ? ? ? 1_555 B DC 2  N3 ? ? A DG 9  B DC 2  1_555 ? ? ? ? ? ? WATSON-CRICK ? ? ? 
hydrog22 hydrog ? ? A DG 9  N2 ? ? ? 1_555 B DC 2  O2 ? ? A DG 9  B DC 2  1_555 ? ? ? ? ? ? WATSON-CRICK ? ? ? 
hydrog23 hydrog ? ? A DG 9  O6 ? ? ? 1_555 B DC 2  N4 ? ? A DG 9  B DC 2  1_555 ? ? ? ? ? ? WATSON-CRICK ? ? ? 
hydrog24 hydrog ? ? A DG 10 N1 ? ? ? 1_555 B DC 1  N3 ? ? A DG 10 B DC 1  1_555 ? ? ? ? ? ? WATSON-CRICK ? ? ? 
hydrog25 hydrog ? ? A DG 10 N2 ? ? ? 1_555 B DC 1  O2 ? ? A DG 10 B DC 1  1_555 ? ? ? ? ? ? WATSON-CRICK ? ? ? 
hydrog26 hydrog ? ? A DG 10 O6 ? ? ? 1_555 B DC 1  N4 ? ? A DG 10 B DC 1  1_555 ? ? ? ? ? ? WATSON-CRICK ? ? ? 
# 
_struct_conn_type.id          hydrog 
_struct_conn_type.criteria    ? 
_struct_conn_type.reference   ? 
# 
loop_
_struct_site.id 
_struct_site.pdbx_evidence_code 
_struct_site.pdbx_auth_asym_id 
_struct_site.pdbx_auth_comp_id 
_struct_site.pdbx_auth_seq_id 
_struct_site.pdbx_auth_ins_code 
_struct_site.pdbx_num_residues 
_struct_site.details 
AC1 Software B HP2 11 ? 16 'BINDING SITE FOR RESIDUE HP2 B 11' 
AC2 Software A HP2 12 ? 14 'BINDING SITE FOR RESIDUE HP2 A 12' 
1   ?        ? ?   ?  ? ?  ?                                   
# 
loop_
_struct_site_gen.id 
_struct_site_gen.site_id 
_struct_site_gen.pdbx_num_res 
_struct_site_gen.label_comp_id 
_struct_site_gen.label_asym_id 
_struct_site_gen.label_seq_id 
_struct_site_gen.pdbx_auth_ins_code 
_struct_site_gen.auth_comp_id 
_struct_site_gen.auth_asym_id 
_struct_site_gen.auth_seq_id 
_struct_site_gen.label_atom_id 
_struct_site_gen.label_alt_id 
_struct_site_gen.symmetry 
_struct_site_gen.details 
1  AC1 16 DC  A 2  ? DC  A 2  . ? 1_555 ? 
2  AC1 16 DA  A 3  ? DA  A 3  . ? 1_555 ? 
3  AC1 16 DG  A 4  ? DG  A 4  . ? 1_555 ? 
4  AC1 16 DA  A 5  ? DA  A 5  . ? 1_555 ? 
5  AC1 16 HP2 C .  ? HP2 A 12 . ? 1_555 ? 
6  AC1 16 HOH E .  ? HOH A 23 . ? 1_555 ? 
7  AC1 16 DC  B 1  ? DC  B 1  . ? 1_655 ? 
8  AC1 16 DG  B 4  ? DG  B 4  . ? 1_555 ? 
9  AC1 16 DA  B 5  ? DA  B 5  . ? 1_555 ? 
10 AC1 16 DT  B 6  ? DT  B 6  . ? 1_555 ? 
11 AC1 16 DC  B 7  ? DC  B 7  . ? 1_555 ? 
12 AC1 16 DT  B 8  ? DT  B 8  . ? 1_555 ? 
13 AC1 16 DG  B 9  ? DG  B 9  . ? 1_555 ? 
14 AC1 16 DG  B 10 ? DG  B 10 . ? 1_555 ? 
15 AC1 16 HOH F .  ? HOH B 33 . ? 1_555 ? 
16 AC1 16 HOH F .  ? HOH B 40 . ? 1_555 ? 
17 AC2 14 DC  A 1  ? DC  A 1  . ? 1_455 ? 
18 AC2 14 DG  A 4  ? DG  A 4  . ? 1_555 ? 
19 AC2 14 DA  A 5  ? DA  A 5  . ? 1_555 ? 
20 AC2 14 DT  A 6  ? DT  A 6  . ? 1_555 ? 
21 AC2 14 DC  A 7  ? DC  A 7  . ? 1_555 ? 
22 AC2 14 DT  A 8  ? DT  A 8  . ? 1_555 ? 
23 AC2 14 DG  A 9  ? DG  A 9  . ? 1_555 ? 
24 AC2 14 DG  A 10 ? DG  A 10 . ? 1_555 ? 
25 AC2 14 HOH E .  ? HOH A 23 . ? 1_555 ? 
26 AC2 14 HOH E .  ? HOH A 37 . ? 1_555 ? 
27 AC2 14 DA  B 3  ? DA  B 3  . ? 1_555 ? 
28 AC2 14 DG  B 4  ? DG  B 4  . ? 1_555 ? 
29 AC2 14 DG  B 10 ? DG  B 10 . ? 2_555 ? 
30 AC2 14 HP2 D .  ? HP2 B 11 . ? 1_555 ? 
# 
loop_
_pdbx_validate_close_contact.id 
_pdbx_validate_close_contact.PDB_model_num 
_pdbx_validate_close_contact.auth_atom_id_1 
_pdbx_validate_close_contact.auth_asym_id_1 
_pdbx_validate_close_contact.auth_comp_id_1 
_pdbx_validate_close_contact.auth_seq_id_1 
_pdbx_validate_close_contact.PDB_ins_code_1 
_pdbx_validate_close_contact.label_alt_id_1 
_pdbx_validate_close_contact.auth_atom_id_2 
_pdbx_validate_close_contact.auth_asym_id_2 
_pdbx_validate_close_contact.auth_comp_id_2 
_pdbx_validate_close_contact.auth_seq_id_2 
_pdbx_validate_close_contact.PDB_ins_code_2 
_pdbx_validate_close_contact.label_alt_id_2 
_pdbx_validate_close_contact.dist 
1 1 OP1 B DA 5 ? ? O B HOH 29 ? ? 2.04 
2 1 N7  A DG 4 ? ? O A HOH 48 ? ? 2.05 
# 
loop_
_pdbx_validate_rmsd_bond.id 
_pdbx_validate_rmsd_bond.PDB_model_num 
_pdbx_validate_rmsd_bond.auth_atom_id_1 
_pdbx_validate_rmsd_bond.auth_asym_id_1 
_pdbx_validate_rmsd_bond.auth_comp_id_1 
_pdbx_validate_rmsd_bond.auth_seq_id_1 
_pdbx_validate_rmsd_bond.PDB_ins_code_1 
_pdbx_validate_rmsd_bond.label_alt_id_1 
_pdbx_validate_rmsd_bond.auth_atom_id_2 
_pdbx_validate_rmsd_bond.auth_asym_id_2 
_pdbx_validate_rmsd_bond.auth_comp_id_2 
_pdbx_validate_rmsd_bond.auth_seq_id_2 
_pdbx_validate_rmsd_bond.PDB_ins_code_2 
_pdbx_validate_rmsd_bond.label_alt_id_2 
_pdbx_validate_rmsd_bond.bond_value 
_pdbx_validate_rmsd_bond.bond_target_value 
_pdbx_validate_rmsd_bond.bond_deviation 
_pdbx_validate_rmsd_bond.bond_standard_deviation 
_pdbx_validate_rmsd_bond.linker_flag 
1 1 "O3'" A DC 1 ? ? "C3'" A DC 1 ? ? 1.355 1.419 -0.064 0.006 N 
2 1 N1    A DC 1 ? ? C2    A DC 1 ? ? 1.298 1.397 -0.099 0.010 N 
3 1 "O3'" B DT 8 ? ? "C3'" B DT 8 ? ? 1.368 1.419 -0.051 0.006 N 
# 
loop_
_pdbx_validate_rmsd_angle.id 
_pdbx_validate_rmsd_angle.PDB_model_num 
_pdbx_validate_rmsd_angle.auth_atom_id_1 
_pdbx_validate_rmsd_angle.auth_asym_id_1 
_pdbx_validate_rmsd_angle.auth_comp_id_1 
_pdbx_validate_rmsd_angle.auth_seq_id_1 
_pdbx_validate_rmsd_angle.PDB_ins_code_1 
_pdbx_validate_rmsd_angle.label_alt_id_1 
_pdbx_validate_rmsd_angle.auth_atom_id_2 
_pdbx_validate_rmsd_angle.auth_asym_id_2 
_pdbx_validate_rmsd_angle.auth_comp_id_2 
_pdbx_validate_rmsd_angle.auth_seq_id_2 
_pdbx_validate_rmsd_angle.PDB_ins_code_2 
_pdbx_validate_rmsd_angle.label_alt_id_2 
_pdbx_validate_rmsd_angle.auth_atom_id_3 
_pdbx_validate_rmsd_angle.auth_asym_id_3 
_pdbx_validate_rmsd_angle.auth_comp_id_3 
_pdbx_validate_rmsd_angle.auth_seq_id_3 
_pdbx_validate_rmsd_angle.PDB_ins_code_3 
_pdbx_validate_rmsd_angle.label_alt_id_3 
_pdbx_validate_rmsd_angle.angle_value 
_pdbx_validate_rmsd_angle.angle_target_value 
_pdbx_validate_rmsd_angle.angle_deviation 
_pdbx_validate_rmsd_angle.angle_standard_deviation 
_pdbx_validate_rmsd_angle.linker_flag 
1 1 "C3'" A DC 2 ? ? "C2'" A DC 2 ? ? "C1'" A DC 2 ? ? 94.04  102.40 -8.36 0.80 N 
2 1 "O4'" A DG 4 ? ? "C1'" A DG 4 ? ? N9    A DG 4 ? ? 112.05 108.30 3.75  0.30 N 
# 
_struct_site_keywords.site_id   1 
_struct_site_keywords.text      'INTERCALATION, GROOVE BINDER' 
# 
loop_
_chem_comp_atom.comp_id 
_chem_comp_atom.atom_id 
_chem_comp_atom.type_symbol 
_chem_comp_atom.pdbx_aromatic_flag 
_chem_comp_atom.pdbx_stereo_config 
_chem_comp_atom.pdbx_ordinal 
DA  OP3    O N N 1   
DA  P      P N N 2   
DA  OP1    O N N 3   
DA  OP2    O N N 4   
DA  "O5'"  O N N 5   
DA  "C5'"  C N N 6   
DA  "C4'"  C N R 7   
DA  "O4'"  O N N 8   
DA  "C3'"  C N S 9   
DA  "O3'"  O N N 10  
DA  "C2'"  C N N 11  
DA  "C1'"  C N R 12  
DA  N9     N Y N 13  
DA  C8     C Y N 14  
DA  N7     N Y N 15  
DA  C5     C Y N 16  
DA  C6     C Y N 17  
DA  N6     N N N 18  
DA  N1     N Y N 19  
DA  C2     C Y N 20  
DA  N3     N Y N 21  
DA  C4     C Y N 22  
DA  HOP3   H N N 23  
DA  HOP2   H N N 24  
DA  "H5'"  H N N 25  
DA  "H5''" H N N 26  
DA  "H4'"  H N N 27  
DA  "H3'"  H N N 28  
DA  "HO3'" H N N 29  
DA  "H2'"  H N N 30  
DA  "H2''" H N N 31  
DA  "H1'"  H N N 32  
DA  H8     H N N 33  
DA  H61    H N N 34  
DA  H62    H N N 35  
DA  H2     H N N 36  
DC  OP3    O N N 37  
DC  P      P N N 38  
DC  OP1    O N N 39  
DC  OP2    O N N 40  
DC  "O5'"  O N N 41  
DC  "C5'"  C N N 42  
DC  "C4'"  C N R 43  
DC  "O4'"  O N N 44  
DC  "C3'"  C N S 45  
DC  "O3'"  O N N 46  
DC  "C2'"  C N N 47  
DC  "C1'"  C N R 48  
DC  N1     N N N 49  
DC  C2     C N N 50  
DC  O2     O N N 51  
DC  N3     N N N 52  
DC  C4     C N N 53  
DC  N4     N N N 54  
DC  C5     C N N 55  
DC  C6     C N N 56  
DC  HOP3   H N N 57  
DC  HOP2   H N N 58  
DC  "H5'"  H N N 59  
DC  "H5''" H N N 60  
DC  "H4'"  H N N 61  
DC  "H3'"  H N N 62  
DC  "HO3'" H N N 63  
DC  "H2'"  H N N 64  
DC  "H2''" H N N 65  
DC  "H1'"  H N N 66  
DC  H41    H N N 67  
DC  H42    H N N 68  
DC  H5     H N N 69  
DC  H6     H N N 70  
DG  OP3    O N N 71  
DG  P      P N N 72  
DG  OP1    O N N 73  
DG  OP2    O N N 74  
DG  "O5'"  O N N 75  
DG  "C5'"  C N N 76  
DG  "C4'"  C N R 77  
DG  "O4'"  O N N 78  
DG  "C3'"  C N S 79  
DG  "O3'"  O N N 80  
DG  "C2'"  C N N 81  
DG  "C1'"  C N R 82  
DG  N9     N Y N 83  
DG  C8     C Y N 84  
DG  N7     N Y N 85  
DG  C5     C Y N 86  
DG  C6     C N N 87  
DG  O6     O N N 88  
DG  N1     N N N 89  
DG  C2     C N N 90  
DG  N2     N N N 91  
DG  N3     N N N 92  
DG  C4     C Y N 93  
DG  HOP3   H N N 94  
DG  HOP2   H N N 95  
DG  "H5'"  H N N 96  
DG  "H5''" H N N 97  
DG  "H4'"  H N N 98  
DG  "H3'"  H N N 99  
DG  "HO3'" H N N 100 
DG  "H2'"  H N N 101 
DG  "H2''" H N N 102 
DG  "H1'"  H N N 103 
DG  H8     H N N 104 
DG  H1     H N N 105 
DG  H21    H N N 106 
DG  H22    H N N 107 
DT  OP3    O N N 108 
DT  P      P N N 109 
DT  OP1    O N N 110 
DT  OP2    O N N 111 
DT  "O5'"  O N N 112 
DT  "C5'"  C N N 113 
DT  "C4'"  C N R 114 
DT  "O4'"  O N N 115 
DT  "C3'"  C N S 116 
DT  "O3'"  O N N 117 
DT  "C2'"  C N N 118 
DT  "C1'"  C N R 119 
DT  N1     N N N 120 
DT  C2     C N N 121 
DT  O2     O N N 122 
DT  N3     N N N 123 
DT  C4     C N N 124 
DT  O4     O N N 125 
DT  C5     C N N 126 
DT  C7     C N N 127 
DT  C6     C N N 128 
DT  HOP3   H N N 129 
DT  HOP2   H N N 130 
DT  "H5'"  H N N 131 
DT  "H5''" H N N 132 
DT  "H4'"  H N N 133 
DT  "H3'"  H N N 134 
DT  "HO3'" H N N 135 
DT  "H2'"  H N N 136 
DT  "H2''" H N N 137 
DT  "H1'"  H N N 138 
DT  H3     H N N 139 
DT  H71    H N N 140 
DT  H72    H N N 141 
DT  H73    H N N 142 
DT  H6     H N N 143 
HOH O      O N N 144 
HOH H1     H N N 145 
HOH H2     H N N 146 
HP2 N1     N N N 147 
HP2 C1     C Y N 148 
HP2 C8     C Y N 149 
HP2 N3     N Y N 150 
HP2 C6     C Y N 151 
HP2 C9     C N N 152 
HP2 C10    C Y N 153 
HP2 C11    C N N 154 
HP2 O2     O N N 155 
HP2 N4     N N N 156 
HP2 C12    C Y N 157 
HP2 C13    C Y N 158 
HP2 C14    C Y N 159 
HP2 N5     N Y N 160 
HP2 C15    C N N 161 
HP2 C16    C Y N 162 
HP2 C23    C N N 163 
HP2 O3     O N N 164 
HP2 N7     N N N 165 
HP2 C21    C N N 166 
HP2 C22    C N N 167 
HP2 C20    C N N 168 
HP2 C18    C N N 169 
HP2 C19    C N N 170 
HP2 N6     N N N 171 
HP2 C3     C N N 172 
HP2 N      N Y N 173 
HP2 C2     C Y N 174 
HP2 N8     N N N 175 
HP2 C      C Y N 176 
HP2 C32    C Y N 177 
HP2 C4     C Y N 178 
HP2 C5     C N N 179 
HP2 O1     O N N 180 
HP2 C28    C N N 181 
HP2 N9     N Y N 182 
HP2 C27    C Y N 183 
HP2 C26    C Y N 184 
HP2 N10    N Y N 185 
HP2 C25    C Y N 186 
HP2 C24    C N N 187 
HP2 O4     O N N 188 
HP2 O5     O N N 189 
HP2 C31    C N N 190 
HP2 C30    C N N 191 
HP2 C29    C N N 192 
HP2 N11    N N N 193 
HP2 O6     O N N 194 
HP2 HN1    H N N 195 
HP2 H8     H N N 196 
HP2 H91    H N N 197 
HP2 H92    H N N 198 
HP2 H93    H N N 199 
HP2 HN4    H N N 200 
HP2 H13    H N N 201 
HP2 H14    H N N 202 
HP2 H151   H N N 203 
HP2 H152   H N N 204 
HP2 H153   H N N 205 
HP2 H211   H N N 206 
HP2 H212   H N N 207 
HP2 H213   H N N 208 
HP2 H221   H N N 209 
HP2 H222   H N N 210 
HP2 H223   H N N 211 
HP2 H201   H N N 212 
HP2 H202   H N N 213 
HP2 H181   H N N 214 
HP2 H182   H N N 215 
HP2 H191   H N N 216 
HP2 H192   H N N 217 
HP2 HN6    H N N 218 
HP2 H31    H N N 219 
HP2 H32A   H N N 220 
HP2 H33    H N N 221 
HP2 H2     H N N 222 
HP2 HN8    H N N 223 
HP2 H32    H N N 224 
HP2 H281   H N N 225 
HP2 H282   H N N 226 
HP2 H283   H N N 227 
HP2 H27    H N N 228 
HP2 H26    H N N 229 
HP2 H301   H N N 230 
HP2 H302   H N N 231 
HP2 H291   H N N 232 
HP2 H292   H N N 233 
HP2 H11    H N N 234 
HP2 HO6    H N N 235 
# 
loop_
_chem_comp_bond.comp_id 
_chem_comp_bond.atom_id_1 
_chem_comp_bond.atom_id_2 
_chem_comp_bond.value_order 
_chem_comp_bond.pdbx_aromatic_flag 
_chem_comp_bond.pdbx_stereo_config 
_chem_comp_bond.pdbx_ordinal 
DA  OP3   P      sing N N 1   
DA  OP3   HOP3   sing N N 2   
DA  P     OP1    doub N N 3   
DA  P     OP2    sing N N 4   
DA  P     "O5'"  sing N N 5   
DA  OP2   HOP2   sing N N 6   
DA  "O5'" "C5'"  sing N N 7   
DA  "C5'" "C4'"  sing N N 8   
DA  "C5'" "H5'"  sing N N 9   
DA  "C5'" "H5''" sing N N 10  
DA  "C4'" "O4'"  sing N N 11  
DA  "C4'" "C3'"  sing N N 12  
DA  "C4'" "H4'"  sing N N 13  
DA  "O4'" "C1'"  sing N N 14  
DA  "C3'" "O3'"  sing N N 15  
DA  "C3'" "C2'"  sing N N 16  
DA  "C3'" "H3'"  sing N N 17  
DA  "O3'" "HO3'" sing N N 18  
DA  "C2'" "C1'"  sing N N 19  
DA  "C2'" "H2'"  sing N N 20  
DA  "C2'" "H2''" sing N N 21  
DA  "C1'" N9     sing N N 22  
DA  "C1'" "H1'"  sing N N 23  
DA  N9    C8     sing Y N 24  
DA  N9    C4     sing Y N 25  
DA  C8    N7     doub Y N 26  
DA  C8    H8     sing N N 27  
DA  N7    C5     sing Y N 28  
DA  C5    C6     sing Y N 29  
DA  C5    C4     doub Y N 30  
DA  C6    N6     sing N N 31  
DA  C6    N1     doub Y N 32  
DA  N6    H61    sing N N 33  
DA  N6    H62    sing N N 34  
DA  N1    C2     sing Y N 35  
DA  C2    N3     doub Y N 36  
DA  C2    H2     sing N N 37  
DA  N3    C4     sing Y N 38  
DC  OP3   P      sing N N 39  
DC  OP3   HOP3   sing N N 40  
DC  P     OP1    doub N N 41  
DC  P     OP2    sing N N 42  
DC  P     "O5'"  sing N N 43  
DC  OP2   HOP2   sing N N 44  
DC  "O5'" "C5'"  sing N N 45  
DC  "C5'" "C4'"  sing N N 46  
DC  "C5'" "H5'"  sing N N 47  
DC  "C5'" "H5''" sing N N 48  
DC  "C4'" "O4'"  sing N N 49  
DC  "C4'" "C3'"  sing N N 50  
DC  "C4'" "H4'"  sing N N 51  
DC  "O4'" "C1'"  sing N N 52  
DC  "C3'" "O3'"  sing N N 53  
DC  "C3'" "C2'"  sing N N 54  
DC  "C3'" "H3'"  sing N N 55  
DC  "O3'" "HO3'" sing N N 56  
DC  "C2'" "C1'"  sing N N 57  
DC  "C2'" "H2'"  sing N N 58  
DC  "C2'" "H2''" sing N N 59  
DC  "C1'" N1     sing N N 60  
DC  "C1'" "H1'"  sing N N 61  
DC  N1    C2     sing N N 62  
DC  N1    C6     sing N N 63  
DC  C2    O2     doub N N 64  
DC  C2    N3     sing N N 65  
DC  N3    C4     doub N N 66  
DC  C4    N4     sing N N 67  
DC  C4    C5     sing N N 68  
DC  N4    H41    sing N N 69  
DC  N4    H42    sing N N 70  
DC  C5    C6     doub N N 71  
DC  C5    H5     sing N N 72  
DC  C6    H6     sing N N 73  
DG  OP3   P      sing N N 74  
DG  OP3   HOP3   sing N N 75  
DG  P     OP1    doub N N 76  
DG  P     OP2    sing N N 77  
DG  P     "O5'"  sing N N 78  
DG  OP2   HOP2   sing N N 79  
DG  "O5'" "C5'"  sing N N 80  
DG  "C5'" "C4'"  sing N N 81  
DG  "C5'" "H5'"  sing N N 82  
DG  "C5'" "H5''" sing N N 83  
DG  "C4'" "O4'"  sing N N 84  
DG  "C4'" "C3'"  sing N N 85  
DG  "C4'" "H4'"  sing N N 86  
DG  "O4'" "C1'"  sing N N 87  
DG  "C3'" "O3'"  sing N N 88  
DG  "C3'" "C2'"  sing N N 89  
DG  "C3'" "H3'"  sing N N 90  
DG  "O3'" "HO3'" sing N N 91  
DG  "C2'" "C1'"  sing N N 92  
DG  "C2'" "H2'"  sing N N 93  
DG  "C2'" "H2''" sing N N 94  
DG  "C1'" N9     sing N N 95  
DG  "C1'" "H1'"  sing N N 96  
DG  N9    C8     sing Y N 97  
DG  N9    C4     sing Y N 98  
DG  C8    N7     doub Y N 99  
DG  C8    H8     sing N N 100 
DG  N7    C5     sing Y N 101 
DG  C5    C6     sing N N 102 
DG  C5    C4     doub Y N 103 
DG  C6    O6     doub N N 104 
DG  C6    N1     sing N N 105 
DG  N1    C2     sing N N 106 
DG  N1    H1     sing N N 107 
DG  C2    N2     sing N N 108 
DG  C2    N3     doub N N 109 
DG  N2    H21    sing N N 110 
DG  N2    H22    sing N N 111 
DG  N3    C4     sing N N 112 
DT  OP3   P      sing N N 113 
DT  OP3   HOP3   sing N N 114 
DT  P     OP1    doub N N 115 
DT  P     OP2    sing N N 116 
DT  P     "O5'"  sing N N 117 
DT  OP2   HOP2   sing N N 118 
DT  "O5'" "C5'"  sing N N 119 
DT  "C5'" "C4'"  sing N N 120 
DT  "C5'" "H5'"  sing N N 121 
DT  "C5'" "H5''" sing N N 122 
DT  "C4'" "O4'"  sing N N 123 
DT  "C4'" "C3'"  sing N N 124 
DT  "C4'" "H4'"  sing N N 125 
DT  "O4'" "C1'"  sing N N 126 
DT  "C3'" "O3'"  sing N N 127 
DT  "C3'" "C2'"  sing N N 128 
DT  "C3'" "H3'"  sing N N 129 
DT  "O3'" "HO3'" sing N N 130 
DT  "C2'" "C1'"  sing N N 131 
DT  "C2'" "H2'"  sing N N 132 
DT  "C2'" "H2''" sing N N 133 
DT  "C1'" N1     sing N N 134 
DT  "C1'" "H1'"  sing N N 135 
DT  N1    C2     sing N N 136 
DT  N1    C6     sing N N 137 
DT  C2    O2     doub N N 138 
DT  C2    N3     sing N N 139 
DT  N3    C4     sing N N 140 
DT  N3    H3     sing N N 141 
DT  C4    O4     doub N N 142 
DT  C4    C5     sing N N 143 
DT  C5    C7     sing N N 144 
DT  C5    C6     doub N N 145 
DT  C7    H71    sing N N 146 
DT  C7    H72    sing N N 147 
DT  C7    H73    sing N N 148 
DT  C6    H6     sing N N 149 
HOH O     H1     sing N N 150 
HOH O     H2     sing N N 151 
HP2 N1    C6     sing N N 152 
HP2 N1    C5     sing N N 153 
HP2 N1    HN1    sing N N 154 
HP2 C1    C6     sing Y N 155 
HP2 C1    C10    doub Y N 156 
HP2 C1    O6     sing N N 157 
HP2 C8    N3     sing Y N 158 
HP2 C8    C6     doub Y N 159 
HP2 C8    H8     sing N N 160 
HP2 N3    C9     sing N N 161 
HP2 N3    C10    sing Y N 162 
HP2 C9    H91    sing N N 163 
HP2 C9    H92    sing N N 164 
HP2 C9    H93    sing N N 165 
HP2 C10   C11    sing N N 166 
HP2 C11   O2     doub N N 167 
HP2 C11   N4     sing N N 168 
HP2 N4    C12    sing N N 169 
HP2 N4    HN4    sing N N 170 
HP2 C12   C13    sing Y N 171 
HP2 C12   C14    doub Y N 172 
HP2 C13   C16    doub Y N 173 
HP2 C13   H13    sing N N 174 
HP2 C14   N5     sing Y N 175 
HP2 C14   H14    sing N N 176 
HP2 N5    C15    sing N N 177 
HP2 N5    C16    sing Y N 178 
HP2 C15   H151   sing N N 179 
HP2 C15   H152   sing N N 180 
HP2 C15   H153   sing N N 181 
HP2 C16   C23    sing N N 182 
HP2 C23   O3     doub N N 183 
HP2 C23   N11    sing N N 184 
HP2 N7    C21    sing N N 185 
HP2 N7    C22    sing N N 186 
HP2 N7    C20    sing N N 187 
HP2 C21   H211   sing N N 188 
HP2 C21   H212   sing N N 189 
HP2 C21   H213   sing N N 190 
HP2 C22   H221   sing N N 191 
HP2 C22   H222   sing N N 192 
HP2 C22   H223   sing N N 193 
HP2 C20   C19    sing N N 194 
HP2 C20   H201   sing N N 195 
HP2 C20   H202   sing N N 196 
HP2 C18   C19    sing N N 197 
HP2 C18   N6     sing N N 198 
HP2 C18   H181   sing N N 199 
HP2 C18   H182   sing N N 200 
HP2 C19   H191   sing N N 201 
HP2 C19   H192   sing N N 202 
HP2 N6    C31    sing N N 203 
HP2 N6    HN6    sing N N 204 
HP2 C3    N      sing N N 205 
HP2 C3    H31    sing N N 206 
HP2 C3    H32A   sing N N 207 
HP2 C3    H33    sing N N 208 
HP2 N     C2     sing Y N 209 
HP2 N     C4     sing Y N 210 
HP2 C2    C      doub Y N 211 
HP2 C2    H2     sing N N 212 
HP2 N8    C      sing N N 213 
HP2 N8    C24    sing N N 214 
HP2 N8    HN8    sing N N 215 
HP2 C     C32    sing Y N 216 
HP2 C32   C4     doub Y N 217 
HP2 C32   H32    sing N N 218 
HP2 C4    C5     sing N N 219 
HP2 C5    O1     doub N N 220 
HP2 C28   N9     sing N N 221 
HP2 C28   H281   sing N N 222 
HP2 C28   H282   sing N N 223 
HP2 C28   H283   sing N N 224 
HP2 N9    C27    sing Y N 225 
HP2 N9    C25    sing Y N 226 
HP2 C27   C26    doub Y N 227 
HP2 C27   H27    sing N N 228 
HP2 C26   N10    sing Y N 229 
HP2 C26   H26    sing N N 230 
HP2 N10   C25    doub Y N 231 
HP2 C25   C24    sing N N 232 
HP2 C24   O4     doub N N 233 
HP2 O5    C31    doub N N 234 
HP2 C31   C30    sing N N 235 
HP2 C30   C29    sing N N 236 
HP2 C30   H301   sing N N 237 
HP2 C30   H302   sing N N 238 
HP2 C29   N11    sing N N 239 
HP2 C29   H291   sing N N 240 
HP2 C29   H292   sing N N 241 
HP2 N11   H11    sing N N 242 
HP2 O6    HO6    sing N N 243 
# 
_ndb_struct_conf_na.entry_id   1CVX 
_ndb_struct_conf_na.feature    'b-form double helix' 
# 
loop_
_ndb_struct_na_base_pair.model_number 
_ndb_struct_na_base_pair.i_label_asym_id 
_ndb_struct_na_base_pair.i_label_comp_id 
_ndb_struct_na_base_pair.i_label_seq_id 
_ndb_struct_na_base_pair.i_symmetry 
_ndb_struct_na_base_pair.j_label_asym_id 
_ndb_struct_na_base_pair.j_label_comp_id 
_ndb_struct_na_base_pair.j_label_seq_id 
_ndb_struct_na_base_pair.j_symmetry 
_ndb_struct_na_base_pair.shear 
_ndb_struct_na_base_pair.stretch 
_ndb_struct_na_base_pair.stagger 
_ndb_struct_na_base_pair.buckle 
_ndb_struct_na_base_pair.propeller 
_ndb_struct_na_base_pair.opening 
_ndb_struct_na_base_pair.pair_number 
_ndb_struct_na_base_pair.pair_name 
_ndb_struct_na_base_pair.i_auth_asym_id 
_ndb_struct_na_base_pair.i_auth_seq_id 
_ndb_struct_na_base_pair.i_PDB_ins_code 
_ndb_struct_na_base_pair.j_auth_asym_id 
_ndb_struct_na_base_pair.j_auth_seq_id 
_ndb_struct_na_base_pair.j_PDB_ins_code 
_ndb_struct_na_base_pair.hbond_type_28 
_ndb_struct_na_base_pair.hbond_type_12 
1 A DC 1  1_555 B DG 10 1_555 -0.318 -0.393 0.404  -9.210 -15.831 -0.505  1  A_DC1:DG10_B A 1  ? B 10 ? 19 1 
1 A DC 2  1_555 B DG 9  1_555 -0.531 -0.304 -0.096 10.619 -17.832 -3.856  2  A_DC2:DG9_B  A 2  ? B 9  ? 19 1 
1 A DA 3  1_555 B DT 8  1_555 -0.605 -0.111 -0.320 -9.309 -16.126 3.672   3  A_DA3:DT8_B  A 3  ? B 8  ? 20 1 
1 A DG 4  1_555 B DC 7  1_555 -1.015 -0.240 -0.145 -4.824 -14.434 10.206  4  A_DG4:DC7_B  A 4  ? B 7  ? 19 1 
1 A DA 5  1_555 B DT 6  1_555 0.873  -0.170 -0.077 0.230  -29.003 -3.114  5  A_DA5:DT6_B  A 5  ? B 6  ? 20 1 
1 A DT 6  1_555 B DA 5  1_555 -0.170 0.004  0.268  0.384  -7.003  -10.744 6  A_DT6:DA5_B  A 6  ? B 5  ? 20 1 
1 A DC 7  1_555 B DG 4  1_555 -0.201 -0.343 0.396  -2.685 -9.964  4.053   7  A_DC7:DG4_B  A 7  ? B 4  ? 19 1 
1 A DT 8  1_555 B DA 3  1_555 0.046  -0.180 0.411  -4.738 -14.092 -1.575  8  A_DT8:DA3_B  A 8  ? B 3  ? 20 1 
1 A DG 9  1_555 B DC 2  1_555 0.127  -0.224 0.147  3.082  -14.168 -2.816  9  A_DG9:DC2_B  A 9  ? B 2  ? 19 1 
1 A DG 10 1_555 B DC 1  1_555 0.592  -0.097 0.561  10.931 -12.853 -0.668  10 A_DG10:DC1_B A 10 ? B 1  ? 19 1 
# 
loop_
_ndb_struct_na_base_pair_step.model_number 
_ndb_struct_na_base_pair_step.i_label_asym_id_1 
_ndb_struct_na_base_pair_step.i_label_comp_id_1 
_ndb_struct_na_base_pair_step.i_label_seq_id_1 
_ndb_struct_na_base_pair_step.i_symmetry_1 
_ndb_struct_na_base_pair_step.j_label_asym_id_1 
_ndb_struct_na_base_pair_step.j_label_comp_id_1 
_ndb_struct_na_base_pair_step.j_label_seq_id_1 
_ndb_struct_na_base_pair_step.j_symmetry_1 
_ndb_struct_na_base_pair_step.i_label_asym_id_2 
_ndb_struct_na_base_pair_step.i_label_comp_id_2 
_ndb_struct_na_base_pair_step.i_label_seq_id_2 
_ndb_struct_na_base_pair_step.i_symmetry_2 
_ndb_struct_na_base_pair_step.j_label_asym_id_2 
_ndb_struct_na_base_pair_step.j_label_comp_id_2 
_ndb_struct_na_base_pair_step.j_label_seq_id_2 
_ndb_struct_na_base_pair_step.j_symmetry_2 
_ndb_struct_na_base_pair_step.shift 
_ndb_struct_na_base_pair_step.slide 
_ndb_struct_na_base_pair_step.rise 
_ndb_struct_na_base_pair_step.tilt 
_ndb_struct_na_base_pair_step.roll 
_ndb_struct_na_base_pair_step.twist 
_ndb_struct_na_base_pair_step.x_displacement 
_ndb_struct_na_base_pair_step.y_displacement 
_ndb_struct_na_base_pair_step.helical_rise 
_ndb_struct_na_base_pair_step.inclination 
_ndb_struct_na_base_pair_step.tip 
_ndb_struct_na_base_pair_step.helical_twist 
_ndb_struct_na_base_pair_step.step_number 
_ndb_struct_na_base_pair_step.step_name 
_ndb_struct_na_base_pair_step.i_auth_asym_id_1 
_ndb_struct_na_base_pair_step.i_auth_seq_id_1 
_ndb_struct_na_base_pair_step.i_PDB_ins_code_1 
_ndb_struct_na_base_pair_step.j_auth_asym_id_1 
_ndb_struct_na_base_pair_step.j_auth_seq_id_1 
_ndb_struct_na_base_pair_step.j_PDB_ins_code_1 
_ndb_struct_na_base_pair_step.i_auth_asym_id_2 
_ndb_struct_na_base_pair_step.i_auth_seq_id_2 
_ndb_struct_na_base_pair_step.i_PDB_ins_code_2 
_ndb_struct_na_base_pair_step.j_auth_asym_id_2 
_ndb_struct_na_base_pair_step.j_auth_seq_id_2 
_ndb_struct_na_base_pair_step.j_PDB_ins_code_2 
1 A DC 1 1_555 B DG 10 1_555 A DC 2  1_555 B DG 9 1_555 -0.132 0.432  2.876 6.508  6.069  31.302 -0.171 1.247  2.824 10.973  
-11.766 32.512 1 AA_DC1DC2:DG9DG10_BB A 1 ? B 10 ? A 2  ? B 9 ? 
1 A DC 2 1_555 B DG 9  1_555 A DA 3  1_555 B DT 8 1_555 0.000  1.328  3.844 -0.804 6.330  40.806 1.062  -0.104 3.997 9.012   1.145 
41.281 2 AA_DC2DA3:DT8DG9_BB  A 2 ? B 9  ? A 3  ? B 8 ? 
1 A DA 3 1_555 B DT 8  1_555 A DG 4  1_555 B DC 7 1_555 0.245  0.380  3.199 -2.924 6.282  22.116 -1.211 -1.615 3.127 15.882  7.392 
23.163 3 AA_DA3DG4:DC7DT8_BB  A 3 ? B 8  ? A 4  ? B 7 ? 
1 A DG 4 1_555 B DC 7  1_555 A DA 5  1_555 B DT 6 1_555 -1.554 1.595  3.161 -1.502 5.691  51.843 1.438  1.668  3.347 6.485   1.712 
52.153 4 AA_DG4DA5:DT6DC7_BB  A 4 ? B 7  ? A 5  ? B 6 ? 
1 A DA 5 1_555 B DT 6  1_555 A DT 6  1_555 B DA 5 1_555 -0.075 -0.394 3.372 -5.947 -6.246 27.804 0.650  -1.217 3.324 -12.619 
12.015  29.086 5 AA_DA5DT6:DA5DT6_BB  A 5 ? B 6  ? A 6  ? B 5 ? 
1 A DT 6 1_555 B DA 5  1_555 A DC 7  1_555 B DG 4 1_555 1.765  0.747  3.370 7.197  3.069  40.165 0.704  -1.669 3.664 4.419   
-10.361 40.889 6 AA_DT6DC7:DG4DA5_BB  A 6 ? B 5  ? A 7  ? B 4 ? 
1 A DC 7 1_555 B DG 4  1_555 A DT 8  1_555 B DA 3 1_555 0.026  0.218  3.364 1.579  10.864 28.335 -1.863 0.283  3.223 21.213  
-3.084  30.347 7 AA_DC7DT8:DA3DG4_BB  A 7 ? B 4  ? A 8  ? B 3 ? 
1 A DT 8 1_555 B DA 3  1_555 A DG 9  1_555 B DC 2 1_555 -0.172 1.858  3.226 3.276  1.043  42.409 2.456  0.565  3.247 1.439   
-4.519  42.542 8 AA_DT8DG9:DC2DA3_BB  A 8 ? B 3  ? A 9  ? B 2 ? 
1 A DG 9 1_555 B DC 2  1_555 A DG 10 1_555 B DC 1 1_555 0.009  0.644  3.185 -6.399 5.093  30.560 0.247  -1.191 3.182 9.451   
11.875  31.610 9 AA_DG9DG10:DC1DC2_BB A 9 ? B 2  ? A 10 ? B 1 ? 
# 
_atom_sites.entry_id                    1CVX 
_atom_sites.fract_transf_matrix[1][1]   -0.02560574 
_atom_sites.fract_transf_matrix[1][2]   0.00228630 
_atom_sites.fract_transf_matrix[1][3]   -0.02188832 
_atom_sites.fract_transf_matrix[2][1]   -0.01205815 
_atom_sites.fract_transf_matrix[2][2]   -0.02782592 
_atom_sites.fract_transf_matrix[2][3]   -0.01484114 
_atom_sites.fract_transf_matrix[3][1]   -0.01412824 
_atom_sites.fract_transf_matrix[3][2]   -0.00255070 
_atom_sites.fract_transf_matrix[3][3]   0.01626129 
_atom_sites.fract_transf_vector[1]      0.049221 
_atom_sites.fract_transf_vector[2]      0.431942 
_atom_sites.fract_transf_vector[3]      0.002972 
# 
loop_
_atom_type.symbol 
C 
N 
O 
P 
# 
loop_
_atom_site.group_PDB 
_atom_site.id 
_atom_site.type_symbol 
_atom_site.label_atom_id 
_atom_site.label_alt_id 
_atom_site.label_comp_id 
_atom_site.label_asym_id 
_atom_site.label_entity_id 
_atom_site.label_seq_id 
_atom_site.pdbx_PDB_ins_code 
_atom_site.Cartn_x 
_atom_site.Cartn_y 
_atom_site.Cartn_z 
_atom_site.occupancy 
_atom_site.B_iso_or_equiv 
_atom_site.pdbx_formal_charge 
_atom_site.auth_seq_id 
_atom_site.auth_comp_id 
_atom_site.auth_asym_id 
_atom_site.auth_atom_id 
_atom_site.pdbx_PDB_model_num 
ATOM   1   O "O5'" . DC  A 1 1  ? -14.531 2.768   -7.785  1.00 99.68 ? 1  DC  A "O5'" 1 
ATOM   2   C "C5'" . DC  A 1 1  ? -15.396 2.440   -8.869  1.00 93.22 ? 1  DC  A "C5'" 1 
ATOM   3   C "C4'" . DC  A 1 1  ? -14.698 2.634   -10.185 1.00 83.08 ? 1  DC  A "C4'" 1 
ATOM   4   O "O4'" . DC  A 1 1  ? -14.221 3.989   -10.269 1.00 79.76 ? 1  DC  A "O4'" 1 
ATOM   5   C "C3'" . DC  A 1 1  ? -13.470 1.775   -10.243 1.00 77.65 ? 1  DC  A "C3'" 1 
ATOM   6   O "O3'" . DC  A 1 1  ? -13.140 1.605   -11.546 1.00 81.12 ? 1  DC  A "O3'" 1 
ATOM   7   C "C2'" . DC  A 1 1  ? -12.385 2.653   -9.688  1.00 73.41 ? 1  DC  A "C2'" 1 
ATOM   8   C "C1'" . DC  A 1 1  ? -12.847 4.044   -10.081 1.00 62.32 ? 1  DC  A "C1'" 1 
ATOM   9   N N1    . DC  A 1 1  ? -12.643 4.962   -9.011  1.00 51.94 ? 1  DC  A N1    1 
ATOM   10  C C2    . DC  A 1 1  ? -11.723 5.864   -9.170  1.00 51.84 ? 1  DC  A C2    1 
ATOM   11  O O2    . DC  A 1 1  ? -11.167 5.867   -10.244 1.00 61.89 ? 1  DC  A O2    1 
ATOM   12  N N3    . DC  A 1 1  ? -11.427 6.736   -8.165  1.00 44.73 ? 1  DC  A N3    1 
ATOM   13  C C4    . DC  A 1 1  ? -12.073 6.655   -7.015  1.00 39.78 ? 1  DC  A C4    1 
ATOM   14  N N4    . DC  A 1 1  ? -11.719 7.527   -6.006  1.00 31.23 ? 1  DC  A N4    1 
ATOM   15  C C5    . DC  A 1 1  ? -13.090 5.700   -6.840  1.00 47.40 ? 1  DC  A C5    1 
ATOM   16  C C6    . DC  A 1 1  ? -13.340 4.881   -7.865  1.00 44.80 ? 1  DC  A C6    1 
ATOM   17  P P     . DC  A 1 2  ? -12.223 0.395   -11.900 1.00 83.52 ? 2  DC  A P     1 
ATOM   18  O OP1   . DC  A 1 2  ? -12.321 0.154   -13.326 1.00 89.04 ? 2  DC  A OP1   1 
ATOM   19  O OP2   . DC  A 1 2  ? -12.405 -0.664  -10.937 1.00 97.34 ? 2  DC  A OP2   1 
ATOM   20  O "O5'" . DC  A 1 2  ? -10.808 0.962   -11.597 1.00 85.49 ? 2  DC  A "O5'" 1 
ATOM   21  C "C5'" . DC  A 1 2  ? -10.391 1.957   -12.413 1.00 78.39 ? 2  DC  A "C5'" 1 
ATOM   22  C "C4'" . DC  A 1 2  ? -8.929  2.140   -12.210 1.00 73.64 ? 2  DC  A "C4'" 1 
ATOM   23  O "O4'" . DC  A 1 2  ? -8.811  3.005   -11.088 1.00 66.41 ? 2  DC  A "O4'" 1 
ATOM   24  C "C3'" . DC  A 1 2  ? -8.142  0.903   -11.805 1.00 81.44 ? 2  DC  A "C3'" 1 
ATOM   25  O "O3'" . DC  A 1 2  ? -6.813  1.319   -12.116 1.00 88.42 ? 2  DC  A "O3'" 1 
ATOM   26  C "C2'" . DC  A 1 2  ? -8.344  0.868   -10.301 1.00 69.50 ? 2  DC  A "C2'" 1 
ATOM   27  C "C1'" . DC  A 1 2  ? -8.036  2.317   -10.119 1.00 62.44 ? 2  DC  A "C1'" 1 
ATOM   28  N N1    . DC  A 1 2  ? -8.426  2.881   -8.893  1.00 54.99 ? 2  DC  A N1    1 
ATOM   29  C C2    . DC  A 1 2  ? -8.008  4.147   -8.644  1.00 52.43 ? 2  DC  A C2    1 
ATOM   30  O O2    . DC  A 1 2  ? -7.257  4.691   -9.470  1.00 67.80 ? 2  DC  A O2    1 
ATOM   31  N N3    . DC  A 1 2  ? -8.441  4.777   -7.561  1.00 52.32 ? 2  DC  A N3    1 
ATOM   32  C C4    . DC  A 1 2  ? -9.236  4.147   -6.719  1.00 47.04 ? 2  DC  A C4    1 
ATOM   33  N N4    . DC  A 1 2  ? -9.667  4.827   -5.660  1.00 46.18 ? 2  DC  A N4    1 
ATOM   34  C C5    . DC  A 1 2  ? -9.642  2.801   -6.932  1.00 42.48 ? 2  DC  A C5    1 
ATOM   35  C C6    . DC  A 1 2  ? -9.198  2.205   -8.012  1.00 43.73 ? 2  DC  A C6    1 
ATOM   36  P P     . DA  A 1 3  ? -5.741  0.289   -12.687 1.00 93.67 ? 3  DA  A P     1 
ATOM   37  O OP1   . DA  A 1 3  ? -5.902  -0.010  -14.131 1.00 97.81 ? 3  DA  A OP1   1 
ATOM   38  O OP2   . DA  A 1 3  ? -5.731  -0.828  -11.695 1.00 95.70 ? 3  DA  A OP2   1 
ATOM   39  O "O5'" . DA  A 1 3  ? -4.399  1.126   -12.572 1.00 84.78 ? 3  DA  A "O5'" 1 
ATOM   40  C "C5'" . DA  A 1 3  ? -4.387  2.498   -12.979 1.00 83.18 ? 3  DA  A "C5'" 1 
ATOM   41  C "C4'" . DA  A 1 3  ? -3.278  3.215   -12.250 1.00 86.16 ? 3  DA  A "C4'" 1 
ATOM   42  O "O4'" . DA  A 1 3  ? -3.693  3.657   -10.931 1.00 79.03 ? 3  DA  A "O4'" 1 
ATOM   43  C "C3'" . DA  A 1 3  ? -2.086  2.296   -12.014 1.00 85.27 ? 3  DA  A "C3'" 1 
ATOM   44  O "O3'" . DA  A 1 3  ? -0.869  3.039   -12.043 1.00 92.98 ? 3  DA  A "O3'" 1 
ATOM   45  C "C2'" . DA  A 1 3  ? -2.370  1.730   -10.634 1.00 81.87 ? 3  DA  A "C2'" 1 
ATOM   46  C "C1'" . DA  A 1 3  ? -2.964  2.947   -9.927  1.00 76.19 ? 3  DA  A "C1'" 1 
ATOM   47  N N9    . DA  A 1 3  ? -3.892  2.571   -8.906  1.00 67.85 ? 3  DA  A N9    1 
ATOM   48  C C8    . DA  A 1 3  ? -4.648  1.420   -8.834  1.00 52.89 ? 3  DA  A C8    1 
ATOM   49  N N7    . DA  A 1 3  ? -5.456  1.394   -7.787  1.00 59.83 ? 3  DA  A N7    1 
ATOM   50  C C5    . DA  A 1 3  ? -5.185  2.591   -7.143  1.00 56.40 ? 3  DA  A C5    1 
ATOM   51  C C6    . DA  A 1 3  ? -5.691  3.153   -5.983  1.00 53.86 ? 3  DA  A C6    1 
ATOM   52  N N6    . DA  A 1 3  ? -6.610  2.552   -5.230  1.00 65.39 ? 3  DA  A N6    1 
ATOM   53  N N1    . DA  A 1 3  ? -5.215  4.372   -5.607  1.00 50.57 ? 3  DA  A N1    1 
ATOM   54  C C2    . DA  A 1 3  ? -4.292  4.959   -6.369  1.00 48.68 ? 3  DA  A C2    1 
ATOM   55  N N3    . DA  A 1 3  ? -3.730  4.532   -7.479  1.00 54.35 ? 3  DA  A N3    1 
ATOM   56  C C4    . DA  A 1 3  ? -4.222  3.329   -7.811  1.00 56.61 ? 3  DA  A C4    1 
ATOM   57  P P     . DG  A 1 4  ? 0.541   2.283   -11.941 1.00 87.70 ? 4  DG  A P     1 
ATOM   58  O OP1   . DG  A 1 4  ? 1.376   2.822   -13.050 1.00 91.22 ? 4  DG  A OP1   1 
ATOM   59  O OP2   . DG  A 1 4  ? 0.289   0.809   -11.850 1.00 98.86 ? 4  DG  A OP2   1 
ATOM   60  O "O5'" . DG  A 1 4  ? 1.105   2.822   -10.538 1.00 97.10 ? 4  DG  A "O5'" 1 
ATOM   61  C "C5'" . DG  A 1 4  ? 1.074   4.241   -10.174 1.00 90.90 ? 4  DG  A "C5'" 1 
ATOM   62  C "C4'" . DG  A 1 4  ? 1.288   4.399   -8.688  1.00 89.68 ? 4  DG  A "C4'" 1 
ATOM   63  O "O4'" . DG  A 1 4  ? 0.067   4.044   -7.949  1.00 81.92 ? 4  DG  A "O4'" 1 
ATOM   64  C "C3'" . DG  A 1 4  ? 2.370   3.418   -8.190  1.00 90.87 ? 4  DG  A "C3'" 1 
ATOM   65  O "O3'" . DG  A 1 4  ? 3.195   3.943   -7.059  1.00 95.54 ? 4  DG  A "O3'" 1 
ATOM   66  C "C2'" . DG  A 1 4  ? 1.503   2.255   -7.734  1.00 82.87 ? 4  DG  A "C2'" 1 
ATOM   67  C "C1'" . DG  A 1 4  ? 0.443   3.045   -7.013  1.00 70.94 ? 4  DG  A "C1'" 1 
ATOM   68  N N9    . DG  A 1 4  ? -0.712  2.282   -6.526  1.00 51.57 ? 4  DG  A N9    1 
ATOM   69  C C8    . DG  A 1 4  ? -1.203  1.097   -7.013  1.00 49.34 ? 4  DG  A C8    1 
ATOM   70  N N7    . DG  A 1 4  ? -2.191  0.631   -6.304  1.00 44.63 ? 4  DG  A N7    1 
ATOM   71  C C5    . DG  A 1 4  ? -2.378  1.575   -5.316  1.00 42.20 ? 4  DG  A C5    1 
ATOM   72  C C6    . DG  A 1 4  ? -3.295  1.615   -4.274  1.00 51.27 ? 4  DG  A C6    1 
ATOM   73  O O6    . DG  A 1 4  ? -4.189  0.807   -4.007  1.00 74.61 ? 4  DG  A O6    1 
ATOM   74  N N1    . DG  A 1 4  ? -3.119  2.714   -3.474  1.00 49.67 ? 4  DG  A N1    1 
ATOM   75  C C2    . DG  A 1 4  ? -2.183  3.667   -3.676  1.00 45.66 ? 4  DG  A C2    1 
ATOM   76  N N2    . DG  A 1 4  ? -2.171  4.660   -2.804  1.00 57.71 ? 4  DG  A N2    1 
ATOM   77  N N3    . DG  A 1 4  ? -1.324  3.664   -4.658  1.00 48.67 ? 4  DG  A N3    1 
ATOM   78  C C4    . DG  A 1 4  ? -1.474  2.590   -5.433  1.00 47.44 ? 4  DG  A C4    1 
ATOM   79  P P     . DA  A 1 5  ? 4.833   3.871   -7.101  1.00 87.05 ? 5  DA  A P     1 
ATOM   80  O OP1   . DA  A 1 5  ? 5.281   4.516   -8.362  1.00 87.52 ? 5  DA  A OP1   1 
ATOM   81  O OP2   . DA  A 1 5  ? 5.421   2.556   -6.676  1.00 78.22 ? 5  DA  A OP2   1 
ATOM   82  O "O5'" . DA  A 1 5  ? 5.291   4.829   -5.931  1.00 83.10 ? 5  DA  A "O5'" 1 
ATOM   83  C "C5'" . DA  A 1 5  ? 4.691   6.092   -5.757  1.00 77.13 ? 5  DA  A "C5'" 1 
ATOM   84  C "C4'" . DA  A 1 5  ? 4.466   6.321   -4.289  1.00 67.29 ? 5  DA  A "C4'" 1 
ATOM   85  O "O4'" . DA  A 1 5  ? 3.356   5.529   -3.825  1.00 69.16 ? 5  DA  A "O4'" 1 
ATOM   86  C "C3'" . DA  A 1 5  ? 5.655   5.926   -3.435  1.00 68.79 ? 5  DA  A "C3'" 1 
ATOM   87  O "O3'" . DA  A 1 5  ? 5.877   6.978   -2.511  1.00 70.30 ? 5  DA  A "O3'" 1 
ATOM   88  C "C2'" . DA  A 1 5  ? 5.251   4.593   -2.815  1.00 62.88 ? 5  DA  A "C2'" 1 
ATOM   89  C "C1'" . DA  A 1 5  ? 3.735   4.666   -2.764  1.00 58.83 ? 5  DA  A "C1'" 1 
ATOM   90  N N9    . DA  A 1 5  ? 3.056   3.393   -3.006  1.00 59.28 ? 5  DA  A N9    1 
ATOM   91  C C8    . DA  A 1 5  ? 3.463   2.443   -3.906  1.00 54.94 ? 5  DA  A C8    1 
ATOM   92  N N7    . DA  A 1 5  ? 2.641   1.426   -4.009  1.00 51.66 ? 5  DA  A N7    1 
ATOM   93  C C5    . DA  A 1 5  ? 1.638   1.707   -3.097  1.00 49.03 ? 5  DA  A C5    1 
ATOM   94  C C6    . DA  A 1 5  ? 0.488   0.997   -2.731  1.00 50.34 ? 5  DA  A C6    1 
ATOM   95  N N6    . DA  A 1 5  ? 0.165   -0.171  -3.263  1.00 36.98 ? 5  DA  A N6    1 
ATOM   96  N N1    . DA  A 1 5  ? -0.317  1.533   -1.788  1.00 54.87 ? 5  DA  A N1    1 
ATOM   97  C C2    . DA  A 1 5  ? 0.043   2.717   -1.242  1.00 50.90 ? 5  DA  A C2    1 
ATOM   98  N N3    . DA  A 1 5  ? 1.114   3.479   -1.499  1.00 51.26 ? 5  DA  A N3    1 
ATOM   99  C C4    . DA  A 1 5  ? 1.882   2.912   -2.451  1.00 54.12 ? 5  DA  A C4    1 
ATOM   100 P P     . DT  A 1 6  ? 7.003   6.830   -1.398  1.00 76.60 ? 6  DT  A P     1 
ATOM   101 O OP1   . DT  A 1 6  ? 7.227   8.217   -0.959  1.00 93.67 ? 6  DT  A OP1   1 
ATOM   102 O OP2   . DT  A 1 6  ? 8.170   5.980   -1.770  1.00 83.70 ? 6  DT  A OP2   1 
ATOM   103 O "O5'" . DT  A 1 6  ? 6.172   6.049   -0.307  1.00 90.26 ? 6  DT  A "O5'" 1 
ATOM   104 C "C5'" . DT  A 1 6  ? 5.016   6.674   0.225   1.00 83.13 ? 6  DT  A "C5'" 1 
ATOM   105 C "C4'" . DT  A 1 6  ? 4.543   5.928   1.445   1.00 78.16 ? 6  DT  A "C4'" 1 
ATOM   106 O "O4'" . DT  A 1 6  ? 3.779   4.778   1.010   1.00 64.13 ? 6  DT  A "O4'" 1 
ATOM   107 C "C3'" . DT  A 1 6  ? 5.621   5.446   2.429   1.00 75.94 ? 6  DT  A "C3'" 1 
ATOM   108 O "O3'" . DT  A 1 6  ? 5.171   5.832   3.752   1.00 82.19 ? 6  DT  A "O3'" 1 
ATOM   109 C "C2'" . DT  A 1 6  ? 5.615   3.944   2.202   1.00 71.77 ? 6  DT  A "C2'" 1 
ATOM   110 C "C1'" . DT  A 1 6  ? 4.148   3.683   1.767   1.00 61.50 ? 6  DT  A "C1'" 1 
ATOM   111 N N1    . DT  A 1 6  ? 3.895   2.495   0.957   1.00 56.99 ? 6  DT  A N1    1 
ATOM   112 C C2    . DT  A 1 6  ? 2.800   1.722   1.265   1.00 53.46 ? 6  DT  A C2    1 
ATOM   113 O O2    . DT  A 1 6  ? 2.021   2.016   2.152   1.00 55.60 ? 6  DT  A O2    1 
ATOM   114 N N3    . DT  A 1 6  ? 2.662   0.597   0.498   1.00 45.47 ? 6  DT  A N3    1 
ATOM   115 C C4    . DT  A 1 6  ? 3.510   0.219   -0.533  1.00 48.92 ? 6  DT  A C4    1 
ATOM   116 O O4    . DT  A 1 6  ? 3.307   -0.792  -1.157  1.00 52.29 ? 6  DT  A O4    1 
ATOM   117 C C5    . DT  A 1 6  ? 4.604   1.085   -0.792  1.00 47.25 ? 6  DT  A C5    1 
ATOM   118 C C7    . DT  A 1 6  ? 5.537   0.745   -1.889  1.00 58.99 ? 6  DT  A C7    1 
ATOM   119 C C6    . DT  A 1 6  ? 4.748   2.161   -0.054  1.00 55.19 ? 6  DT  A C6    1 
ATOM   120 P P     . DC  A 1 7  ? 6.196   5.996   4.948   1.00 82.69 ? 7  DC  A P     1 
ATOM   121 O OP1   . DC  A 1 7  ? 5.992   7.340   5.558   1.00 86.50 ? 7  DC  A OP1   1 
ATOM   122 O OP2   . DC  A 1 7  ? 7.560   5.562   4.515   1.00 91.84 ? 7  DC  A OP2   1 
ATOM   123 O "O5'" . DC  A 1 7  ? 5.629   4.873   5.894   1.00 86.53 ? 7  DC  A "O5'" 1 
ATOM   124 C "C5'" . DC  A 1 7  ? 4.963   3.832   5.286   1.00 73.81 ? 7  DC  A "C5'" 1 
ATOM   125 C "C4'" . DC  A 1 7  ? 4.118   3.088   6.262   1.00 63.81 ? 7  DC  A "C4'" 1 
ATOM   126 O "O4'" . DC  A 1 7  ? 3.568   2.018   5.447   1.00 64.47 ? 7  DC  A "O4'" 1 
ATOM   127 C "C3'" . DC  A 1 7  ? 4.952   2.435   7.359   1.00 63.10 ? 7  DC  A "C3'" 1 
ATOM   128 O "O3'" . DC  A 1 7  ? 4.248   2.472   8.599   1.00 64.28 ? 7  DC  A "O3'" 1 
ATOM   129 C "C2'" . DC  A 1 7  ? 5.180   1.012   6.873   1.00 66.53 ? 7  DC  A "C2'" 1 
ATOM   130 C "C1'" . DC  A 1 7  ? 4.169   0.759   5.746   1.00 59.88 ? 7  DC  A "C1'" 1 
ATOM   131 N N1    . DC  A 1 7  ? 4.752   0.246   4.496   1.00 50.49 ? 7  DC  A N1    1 
ATOM   132 C C2    . DC  A 1 7  ? 4.129   -0.813  3.808   1.00 42.23 ? 7  DC  A C2    1 
ATOM   133 O O2    . DC  A 1 7  ? 3.060   -1.236  4.195   1.00 46.08 ? 7  DC  A O2    1 
ATOM   134 N N3    . DC  A 1 7  ? 4.720   -1.337  2.731   1.00 47.57 ? 7  DC  A N3    1 
ATOM   135 C C4    . DC  A 1 7  ? 5.902   -0.882  2.331   1.00 51.08 ? 7  DC  A C4    1 
ATOM   136 N N4    . DC  A 1 7  ? 6.490   -1.511  1.329   1.00 53.87 ? 7  DC  A N4    1 
ATOM   137 C C5    . DC  A 1 7  ? 6.537   0.237   2.972   1.00 49.37 ? 7  DC  A C5    1 
ATOM   138 C C6    . DC  A 1 7  ? 5.914   0.776   4.027   1.00 54.22 ? 7  DC  A C6    1 
ATOM   139 P P     . DT  A 1 8  ? 4.873   1.759   9.890   1.00 56.56 ? 8  DT  A P     1 
ATOM   140 O OP1   . DT  A 1 8  ? 4.159   2.250   11.060  1.00 66.30 ? 8  DT  A OP1   1 
ATOM   141 O OP2   . DT  A 1 8  ? 6.331   1.881   9.790   1.00 65.43 ? 8  DT  A OP2   1 
ATOM   142 O "O5'" . DT  A 1 8  ? 4.466   0.254   9.729   1.00 52.01 ? 8  DT  A "O5'" 1 
ATOM   143 C "C5'" . DT  A 1 8  ? 3.142   -0.085  9.497   1.00 49.05 ? 8  DT  A "C5'" 1 
ATOM   144 C "C4'" . DT  A 1 8  ? 3.127   -1.552  9.229   1.00 53.46 ? 8  DT  A "C4'" 1 
ATOM   145 O "O4'" . DT  A 1 8  ? 3.809   -1.692  7.960   1.00 62.58 ? 8  DT  A "O4'" 1 
ATOM   146 C "C3'" . DT  A 1 8  ? 4.030   -2.284  10.241  1.00 64.29 ? 8  DT  A "C3'" 1 
ATOM   147 O "O3'" . DT  A 1 8  ? 3.461   -3.569  10.557  1.00 74.60 ? 8  DT  A "O3'" 1 
ATOM   148 C "C2'" . DT  A 1 8  ? 5.293   -2.566  9.438   1.00 60.50 ? 8  DT  A "C2'" 1 
ATOM   149 C "C1'" . DT  A 1 8  ? 4.654   -2.826  8.086   1.00 59.28 ? 8  DT  A "C1'" 1 
ATOM   150 N N1    . DT  A 1 8  ? 5.568   -2.878  6.912   1.00 44.32 ? 8  DT  A N1    1 
ATOM   151 C C2    . DT  A 1 8  ? 5.410   -3.803  5.870   1.00 45.29 ? 8  DT  A C2    1 
ATOM   152 O O2    . DT  A 1 8  ? 4.531   -4.659  5.827   1.00 38.85 ? 8  DT  A O2    1 
ATOM   153 N N3    . DT  A 1 8  ? 6.355   -3.685  4.874   1.00 41.41 ? 8  DT  A N3    1 
ATOM   154 C C4    . DT  A 1 8  ? 7.405   -2.753  4.827   1.00 52.63 ? 8  DT  A C4    1 
ATOM   155 O O4    . DT  A 1 8  ? 8.190   -2.734  3.872   1.00 64.73 ? 8  DT  A O4    1 
ATOM   156 C C5    . DT  A 1 8  ? 7.487   -1.855  5.941   1.00 42.04 ? 8  DT  A C5    1 
ATOM   157 C C7    . DT  A 1 8  ? 8.568   -0.835  5.983   1.00 39.02 ? 8  DT  A C7    1 
ATOM   158 C C6    . DT  A 1 8  ? 6.580   -1.960  6.896   1.00 49.19 ? 8  DT  A C6    1 
ATOM   159 P P     . DG  A 1 9  ? 3.402   -4.054  12.106  1.00 66.97 ? 9  DG  A P     1 
ATOM   160 O OP1   . DG  A 1 9  ? 2.214   -3.406  12.760  1.00 71.06 ? 9  DG  A OP1   1 
ATOM   161 O OP2   . DG  A 1 9  ? 4.738   -3.903  12.716  1.00 56.90 ? 9  DG  A OP2   1 
ATOM   162 O "O5'" . DG  A 1 9  ? 3.118   -5.595  11.909  1.00 60.61 ? 9  DG  A "O5'" 1 
ATOM   163 C "C5'" . DG  A 1 9  ? 2.009   -6.011  11.133  1.00 60.91 ? 9  DG  A "C5'" 1 
ATOM   164 C "C4'" . DG  A 1 9  ? 2.294   -7.373  10.568  1.00 59.42 ? 9  DG  A "C4'" 1 
ATOM   165 O "O4'" . DG  A 1 9  ? 3.315   -7.280  9.551   1.00 66.69 ? 9  DG  A "O4'" 1 
ATOM   166 C "C3'" . DG  A 1 9  ? 2.856   -8.346  11.588  1.00 61.84 ? 9  DG  A "C3'" 1 
ATOM   167 O "O3'" . DG  A 1 9  ? 2.557   -9.663  11.145  1.00 64.07 ? 9  DG  A "O3'" 1 
ATOM   168 C "C2'" . DG  A 1 9  ? 4.342   -8.080  11.466  1.00 58.16 ? 9  DG  A "C2'" 1 
ATOM   169 C "C1'" . DG  A 1 9  ? 4.468   -7.978  9.965   1.00 57.60 ? 9  DG  A "C1'" 1 
ATOM   170 N N9    . DG  A 1 9  ? 5.612   -7.202  9.521   1.00 47.78 ? 9  DG  A N9    1 
ATOM   171 C C8    . DG  A 1 9  ? 6.308   -6.284  10.269  1.00 51.64 ? 9  DG  A C8    1 
ATOM   172 N N7    . DG  A 1 9  ? 7.257   -5.696  9.601   1.00 47.27 ? 9  DG  A N7    1 
ATOM   173 C C5    . DG  A 1 9  ? 7.186   -6.264  8.342   1.00 39.80 ? 9  DG  A C5    1 
ATOM   174 C C6    . DG  A 1 9  ? 7.960   -6.003  7.216   1.00 45.05 ? 9  DG  A C6    1 
ATOM   175 O O6    . DG  A 1 9  ? 8.883   -5.193  7.112   1.00 39.32 ? 9  DG  A O6    1 
ATOM   176 N N1    . DG  A 1 9  ? 7.579   -6.802  6.129   1.00 46.66 ? 9  DG  A N1    1 
ATOM   177 C C2    . DG  A 1 9  ? 6.572   -7.751  6.160   1.00 49.87 ? 9  DG  A C2    1 
ATOM   178 N N2    . DG  A 1 9  ? 6.372   -8.460  5.023   1.00 58.16 ? 9  DG  A N2    1 
ATOM   179 N N3    . DG  A 1 9  ? 5.822   -7.993  7.235   1.00 44.96 ? 9  DG  A N3    1 
ATOM   180 C C4    . DG  A 1 9  ? 6.188   -7.212  8.281   1.00 38.13 ? 9  DG  A C4    1 
ATOM   181 P P     . DG  A 1 10 ? 2.331   -10.826 12.213  1.00 52.87 ? 10 DG  A P     1 
ATOM   182 O OP1   . DG  A 1 10 ? 0.879   -11.030 12.314  1.00 63.10 ? 10 DG  A OP1   1 
ATOM   183 O OP2   . DG  A 1 10 ? 3.128   -10.499 13.425  1.00 54.35 ? 10 DG  A OP2   1 
ATOM   184 O "O5'" . DG  A 1 10 ? 2.965   -12.082 11.472  1.00 63.58 ? 10 DG  A "O5'" 1 
ATOM   185 C "C5'" . DG  A 1 10 ? 2.693   -12.294 10.088  1.00 65.65 ? 10 DG  A "C5'" 1 
ATOM   186 C "C4'" . DG  A 1 10 ? 3.940   -12.737 9.358   1.00 62.39 ? 10 DG  A "C4'" 1 
ATOM   187 O "O4'" . DG  A 1 10 ? 4.878   -11.633 9.220   1.00 60.50 ? 10 DG  A "O4'" 1 
ATOM   188 C "C3'" . DG  A 1 10 ? 4.689   -13.874 10.055  1.00 54.89 ? 10 DG  A "C3'" 1 
ATOM   189 O "O3'" . DG  A 1 10 ? 4.949   -14.838 9.039   1.00 48.14 ? 10 DG  A "O3'" 1 
ATOM   190 C "C2'" . DG  A 1 10 ? 5.904   -13.174 10.654  1.00 55.78 ? 10 DG  A "C2'" 1 
ATOM   191 C "C1'" . DG  A 1 10 ? 6.160   -12.086 9.622   1.00 53.04 ? 10 DG  A "C1'" 1 
ATOM   192 N N9    . DG  A 1 10 ? 6.986   -10.926 9.971   1.00 36.56 ? 10 DG  A N9    1 
ATOM   193 C C8    . DG  A 1 10 ? 7.048   -10.206 11.138  1.00 33.35 ? 10 DG  A C8    1 
ATOM   194 N N7    . DG  A 1 10 ? 7.902   -9.214  11.084  1.00 40.40 ? 10 DG  A N7    1 
ATOM   195 C C5    . DG  A 1 10 ? 8.435   -9.294  9.802   1.00 40.41 ? 10 DG  A C5    1 
ATOM   196 C C6    . DG  A 1 10 ? 9.431   -8.488  9.136   1.00 46.92 ? 10 DG  A C6    1 
ATOM   197 O O6    . DG  A 1 10 ? 10.056  -7.479  9.558   1.00 42.66 ? 10 DG  A O6    1 
ATOM   198 N N1    . DG  A 1 10 ? 9.672   -8.959  7.841   1.00 38.25 ? 10 DG  A N1    1 
ATOM   199 C C2    . DG  A 1 10 ? 9.048   -10.038 7.263   1.00 36.60 ? 10 DG  A C2    1 
ATOM   200 N N2    . DG  A 1 10 ? 9.404   -10.332 6.024   1.00 47.43 ? 10 DG  A N2    1 
ATOM   201 N N3    . DG  A 1 10 ? 8.138   -10.770 7.861   1.00 47.56 ? 10 DG  A N3    1 
ATOM   202 C C4    . DG  A 1 10 ? 7.883   -10.348 9.114   1.00 41.76 ? 10 DG  A C4    1 
ATOM   203 O "O5'" . DC  B 1 1  ? 16.057  -6.241  1.746   1.00 72.36 ? 1  DC  B "O5'" 1 
ATOM   204 C "C5'" . DC  B 1 1  ? 16.759  -7.408  2.185   1.00 75.84 ? 1  DC  B "C5'" 1 
ATOM   205 C "C4'" . DC  B 1 1  ? 15.924  -8.657  2.027   1.00 78.12 ? 1  DC  B "C4'" 1 
ATOM   206 O "O4'" . DC  B 1 1  ? 15.133  -8.951  3.209   1.00 73.15 ? 1  DC  B "O4'" 1 
ATOM   207 C "C3'" . DC  B 1 1  ? 14.912  -8.561  0.896   1.00 78.34 ? 1  DC  B "C3'" 1 
ATOM   208 O "O3'" . DC  B 1 1  ? 14.660  -9.878  0.434   1.00 84.61 ? 1  DC  B "O3'" 1 
ATOM   209 C "C2'" . DC  B 1 1  ? 13.682  -8.013  1.593   1.00 78.02 ? 1  DC  B "C2'" 1 
ATOM   210 C "C1'" . DC  B 1 1  ? 13.741  -8.759  2.929   1.00 68.63 ? 1  DC  B "C1'" 1 
ATOM   211 N N1    . DC  B 1 1  ? 13.139  -8.042  4.082   1.00 57.29 ? 1  DC  B N1    1 
ATOM   212 C C2    . DC  B 1 1  ? 12.019  -8.624  4.734   1.00 49.32 ? 1  DC  B C2    1 
ATOM   213 O O2    . DC  B 1 1  ? 11.560  -9.693  4.291   1.00 44.91 ? 1  DC  B O2    1 
ATOM   214 N N3    . DC  B 1 1  ? 11.486  -7.988  5.819   1.00 43.54 ? 1  DC  B N3    1 
ATOM   215 C C4    . DC  B 1 1  ? 12.017  -6.821  6.252   1.00 36.87 ? 1  DC  B C4    1 
ATOM   216 N N4    . DC  B 1 1  ? 11.470  -6.228  7.311   1.00 46.21 ? 1  DC  B N4    1 
ATOM   217 C C5    . DC  B 1 1  ? 13.144  -6.204  5.595   1.00 45.73 ? 1  DC  B C5    1 
ATOM   218 C C6    . DC  B 1 1  ? 13.666  -6.842  4.525   1.00 51.53 ? 1  DC  B C6    1 
ATOM   219 P P     . DC  B 1 2  ? 14.021  -10.086 -0.998  1.00 74.09 ? 2  DC  B P     1 
ATOM   220 O OP1   . DC  B 1 2  ? 14.303  -11.505 -1.334  1.00 87.68 ? 2  DC  B OP1   1 
ATOM   221 O OP2   . DC  B 1 2  ? 14.476  -8.981  -1.906  1.00 90.18 ? 2  DC  B OP2   1 
ATOM   222 O "O5'" . DC  B 1 2  ? 12.490  -9.831  -0.722  1.00 81.78 ? 2  DC  B "O5'" 1 
ATOM   223 C "C5'" . DC  B 1 2  ? 11.668  -10.843 -0.181  1.00 80.38 ? 2  DC  B "C5'" 1 
ATOM   224 C "C4'" . DC  B 1 2  ? 10.228  -10.405 -0.268  1.00 81.57 ? 2  DC  B "C4'" 1 
ATOM   225 O "O4'" . DC  B 1 2  ? 9.988   -9.598  0.913   1.00 74.61 ? 2  DC  B "O4'" 1 
ATOM   226 C "C3'" . DC  B 1 2  ? 9.892   -9.496  -1.478  1.00 82.27 ? 2  DC  B "C3'" 1 
ATOM   227 O "O3'" . DC  B 1 2  ? 8.519   -9.709  -1.869  1.00 93.14 ? 2  DC  B "O3'" 1 
ATOM   228 C "C2'" . DC  B 1 2  ? 10.027  -8.104  -0.878  1.00 76.20 ? 2  DC  B "C2'" 1 
ATOM   229 C "C1'" . DC  B 1 2  ? 9.416   -8.390  0.486   1.00 68.21 ? 2  DC  B "C1'" 1 
ATOM   230 N N1    . DC  B 1 2  ? 9.579   -7.411  1.542   1.00 53.60 ? 2  DC  B N1    1 
ATOM   231 C C2    . DC  B 1 2  ? 8.856   -7.581  2.718   1.00 47.06 ? 2  DC  B C2    1 
ATOM   232 O O2    . DC  B 1 2  ? 8.128   -8.595  2.843   1.00 48.41 ? 2  DC  B O2    1 
ATOM   233 N N3    . DC  B 1 2  ? 8.955   -6.660  3.673   1.00 37.18 ? 2  DC  B N3    1 
ATOM   234 C C4    . DC  B 1 2  ? 9.738   -5.618  3.506   1.00 33.49 ? 2  DC  B C4    1 
ATOM   235 N N4    . DC  B 1 2  ? 9.804   -4.737  4.478   1.00 47.66 ? 2  DC  B N4    1 
ATOM   236 C C5    . DC  B 1 2  ? 10.489  -5.423  2.335   1.00 44.79 ? 2  DC  B C5    1 
ATOM   237 C C6    . DC  B 1 2  ? 10.394  -6.340  1.382   1.00 46.58 ? 2  DC  B C6    1 
ATOM   238 P P     . DA  B 1 3  ? 8.144   -10.631 -3.150  1.00 99.93 ? 3  DA  B P     1 
ATOM   239 O OP1   . DA  B 1 3  ? 8.853   -11.950 -3.146  1.00 98.93 ? 3  DA  B OP1   1 
ATOM   240 O OP2   . DA  B 1 3  ? 8.331   -9.688  -4.306  1.00 99.92 ? 3  DA  B OP2   1 
ATOM   241 O "O5'" . DA  B 1 3  ? 6.601   -11.004 -2.880  1.00 99.93 ? 3  DA  B "O5'" 1 
ATOM   242 C "C5'" . DA  B 1 3  ? 6.235   -11.946 -1.835  1.00 91.92 ? 3  DA  B "C5'" 1 
ATOM   243 C "C4'" . DA  B 1 3  ? 5.129   -11.398 -0.951  1.00 87.68 ? 3  DA  B "C4'" 1 
ATOM   244 O "O4'" . DA  B 1 3  ? 5.486   -10.219 -0.179  1.00 77.52 ? 3  DA  B "O4'" 1 
ATOM   245 C "C3'" . DA  B 1 3  ? 3.915   -10.996 -1.765  1.00 86.28 ? 3  DA  B "C3'" 1 
ATOM   246 O "O3'" . DA  B 1 3  ? 2.743   -11.468 -1.155  1.00 93.25 ? 3  DA  B "O3'" 1 
ATOM   247 C "C2'" . DA  B 1 3  ? 3.912   -9.477  -1.745  1.00 82.02 ? 3  DA  B "C2'" 1 
ATOM   248 C "C1'" . DA  B 1 3  ? 4.567   -9.141  -0.439  1.00 67.78 ? 3  DA  B "C1'" 1 
ATOM   249 N N9    . DA  B 1 3  ? 5.328   -7.888  -0.390  1.00 49.39 ? 3  DA  B N9    1 
ATOM   250 C C8    . DA  B 1 3  ? 6.135   -7.245  -1.310  1.00 43.85 ? 3  DA  B C8    1 
ATOM   251 N N7    . DA  B 1 3  ? 6.711   -6.152  -0.826  1.00 39.50 ? 3  DA  B N7    1 
ATOM   252 C C5    . DA  B 1 3  ? 6.239   -6.076  0.470   1.00 41.61 ? 3  DA  B C5    1 
ATOM   253 C C6    . DA  B 1 3  ? 6.487   -5.160  1.509   1.00 41.61 ? 3  DA  B C6    1 
ATOM   254 N N6    . DA  B 1 3  ? 7.299   -4.123  1.390   1.00 46.55 ? 3  DA  B N6    1 
ATOM   255 N N1    . DA  B 1 3  ? 5.859   -5.357  2.693   1.00 44.61 ? 3  DA  B N1    1 
ATOM   256 C C2    . DA  B 1 3  ? 5.030   -6.410  2.803   1.00 43.56 ? 3  DA  B C2    1 
ATOM   257 N N3    . DA  B 1 3  ? 4.716   -7.350  1.903   1.00 43.53 ? 3  DA  B N3    1 
ATOM   258 C C4    . DA  B 1 3  ? 5.366   -7.117  0.738   1.00 45.16 ? 3  DA  B C4    1 
ATOM   259 P P     . DG  B 1 4  ? 1.375   -11.430 -1.973  1.00 94.99 ? 4  DG  B P     1 
ATOM   260 O OP1   . DG  B 1 4  ? 0.712   -12.718 -1.688  1.00 99.93 ? 4  DG  B OP1   1 
ATOM   261 O OP2   . DG  B 1 4  ? 1.677   -11.046 -3.368  1.00 99.93 ? 4  DG  B OP2   1 
ATOM   262 O "O5'" . DG  B 1 4  ? 0.547   -10.229 -1.348  1.00 93.37 ? 4  DG  B "O5'" 1 
ATOM   263 C "C5'" . DG  B 1 4  ? 0.031   -10.314 -0.028  1.00 94.10 ? 4  DG  B "C5'" 1 
ATOM   264 C "C4'" . DG  B 1 4  ? -0.446  -8.954  0.412   1.00 89.92 ? 4  DG  B "C4'" 1 
ATOM   265 O "O4'" . DG  B 1 4  ? 0.683   -8.045  0.543   1.00 87.02 ? 4  DG  B "O4'" 1 
ATOM   266 C "C3'" . DG  B 1 4  ? -1.358  -8.323  -0.639  1.00 86.88 ? 4  DG  B "C3'" 1 
ATOM   267 O "O3'" . DG  B 1 4  ? -2.419  -7.617  0.005   1.00 93.12 ? 4  DG  B "O3'" 1 
ATOM   268 C "C2'" . DG  B 1 4  ? -0.443  -7.330  -1.328  1.00 82.24 ? 4  DG  B "C2'" 1 
ATOM   269 C "C1'" . DG  B 1 4  ? 0.352   -6.850  -0.143  1.00 80.05 ? 4  DG  B "C1'" 1 
ATOM   270 N N9    . DG  B 1 4  ? 1.574   -6.121  -0.474  1.00 72.64 ? 4  DG  B N9    1 
ATOM   271 C C8    . DG  B 1 4  ? 2.336   -6.262  -1.611  1.00 67.88 ? 4  DG  B C8    1 
ATOM   272 N N7    . DG  B 1 4  ? 3.331   -5.416  -1.671  1.00 65.73 ? 4  DG  B N7    1 
ATOM   273 C C5    . DG  B 1 4  ? 3.233   -4.672  -0.502  1.00 59.67 ? 4  DG  B C5    1 
ATOM   274 C C6    . DG  B 1 4  ? 4.030   -3.584  -0.015  1.00 58.80 ? 4  DG  B C6    1 
ATOM   275 O O6    . DG  B 1 4  ? 4.992   -3.038  -0.546  1.00 71.99 ? 4  DG  B O6    1 
ATOM   276 N N1    . DG  B 1 4  ? 3.594   -3.134  1.222   1.00 52.60 ? 4  DG  B N1    1 
ATOM   277 C C2    . DG  B 1 4  ? 2.537   -3.648  1.908   1.00 54.73 ? 4  DG  B C2    1 
ATOM   278 N N2    . DG  B 1 4  ? 2.303   -3.074  3.070   1.00 44.73 ? 4  DG  B N2    1 
ATOM   279 N N3    . DG  B 1 4  ? 1.774   -4.648  1.479   1.00 59.86 ? 4  DG  B N3    1 
ATOM   280 C C4    . DG  B 1 4  ? 2.174   -5.108  0.267   1.00 66.39 ? 4  DG  B C4    1 
ATOM   281 P P     . DA  B 1 5  ? -3.946  -8.003  -0.313  1.00 90.65 ? 5  DA  B P     1 
ATOM   282 O OP1   . DA  B 1 5  ? -3.962  -9.479  -0.233  1.00 92.42 ? 5  DA  B OP1   1 
ATOM   283 O OP2   . DA  B 1 5  ? -4.431  -7.326  -1.553  1.00 82.52 ? 5  DA  B OP2   1 
ATOM   284 O "O5'" . DA  B 1 5  ? -4.727  -7.344  0.908   1.00 89.84 ? 5  DA  B "O5'" 1 
ATOM   285 C "C5'" . DA  B 1 5  ? -4.336  -7.605  2.254   1.00 89.64 ? 5  DA  B "C5'" 1 
ATOM   286 C "C4'" . DA  B 1 5  ? -4.450  -6.345  3.082   1.00 88.19 ? 5  DA  B "C4'" 1 
ATOM   287 O "O4'" . DA  B 1 5  ? -3.303  -5.499  2.880   1.00 91.05 ? 5  DA  B "O4'" 1 
ATOM   288 C "C3'" . DA  B 1 5  ? -5.667  -5.476  2.760   1.00 88.55 ? 5  DA  B "C3'" 1 
ATOM   289 O "O3'" . DA  B 1 5  ? -6.143  -4.854  3.966   1.00 82.49 ? 5  DA  B "O3'" 1 
ATOM   290 C "C2'" . DA  B 1 5  ? -5.110  -4.463  1.771   1.00 86.60 ? 5  DA  B "C2'" 1 
ATOM   291 C "C1'" . DA  B 1 5  ? -3.693  -4.270  2.287   1.00 86.53 ? 5  DA  B "C1'" 1 
ATOM   292 N N9    . DA  B 1 5  ? -2.673  -3.941  1.283   1.00 78.95 ? 5  DA  B N9    1 
ATOM   293 C C8    . DA  B 1 5  ? -2.402  -4.671  0.165   1.00 80.05 ? 5  DA  B C8    1 
ATOM   294 N N7    . DA  B 1 5  ? -1.370  -4.242  -0.525  1.00 72.52 ? 5  DA  B N7    1 
ATOM   295 C C5    . DA  B 1 5  ? -0.959  -3.132  0.175   1.00 71.83 ? 5  DA  B C5    1 
ATOM   296 C C6    . DA  B 1 5  ? 0.080   -2.251  -0.052  1.00 74.01 ? 5  DA  B C6    1 
ATOM   297 N N6    . DA  B 1 5  ? 0.909   -2.369  -1.073  1.00 71.30 ? 5  DA  B N6    1 
ATOM   298 N N1    . DA  B 1 5  ? 0.236   -1.233  0.818   1.00 76.30 ? 5  DA  B N1    1 
ATOM   299 C C2    . DA  B 1 5  ? -0.614  -1.143  1.846   1.00 80.24 ? 5  DA  B C2    1 
ATOM   300 N N3    . DA  B 1 5  ? -1.639  -1.922  2.162   1.00 77.03 ? 5  DA  B N3    1 
ATOM   301 C C4    . DA  B 1 5  ? -1.759  -2.911  1.278   1.00 74.91 ? 5  DA  B C4    1 
ATOM   302 P P     . DT  B 1 6  ? -7.336  -3.771  3.908   1.00 87.28 ? 6  DT  B P     1 
ATOM   303 O OP1   . DT  B 1 6  ? -8.076  -3.834  5.194   1.00 87.60 ? 6  DT  B OP1   1 
ATOM   304 O OP2   . DT  B 1 6  ? -8.079  -3.920  2.621   1.00 82.26 ? 6  DT  B OP2   1 
ATOM   305 O "O5'" . DT  B 1 6  ? -6.569  -2.380  3.876   1.00 79.45 ? 6  DT  B "O5'" 1 
ATOM   306 C "C5'" . DT  B 1 6  ? -5.725  -2.010  4.945   1.00 66.15 ? 6  DT  B "C5'" 1 
ATOM   307 C "C4'" . DT  B 1 6  ? -5.197  -0.630  4.694   1.00 63.45 ? 6  DT  B "C4'" 1 
ATOM   308 O "O4'" . DT  B 1 6  ? -4.443  -0.695  3.482   1.00 72.27 ? 6  DT  B "O4'" 1 
ATOM   309 C "C3'" . DT  B 1 6  ? -6.293  0.392   4.451   1.00 59.98 ? 6  DT  B "C3'" 1 
ATOM   310 O "O3'" . DT  B 1 6  ? -6.111  1.379   5.429   1.00 68.51 ? 6  DT  B "O3'" 1 
ATOM   311 C "C2'" . DT  B 1 6  ? -6.033  0.914   3.043   1.00 62.16 ? 6  DT  B "C2'" 1 
ATOM   312 C "C1'" . DT  B 1 6  ? -4.592  0.526   2.807   1.00 66.73 ? 6  DT  B "C1'" 1 
ATOM   313 N N1    . DT  B 1 6  ? -4.127  0.306   1.411   1.00 72.41 ? 6  DT  B N1    1 
ATOM   314 C C2    . DT  B 1 6  ? -2.939  0.907   1.059   1.00 70.16 ? 6  DT  B C2    1 
ATOM   315 O O2    . DT  B 1 6  ? -2.302  1.614   1.815   1.00 63.01 ? 6  DT  B O2    1 
ATOM   316 N N3    . DT  B 1 6  ? -2.511  0.641   -0.208  1.00 65.69 ? 6  DT  B N3    1 
ATOM   317 C C4    . DT  B 1 6  ? -3.132  -0.136  -1.142  1.00 63.96 ? 6  DT  B C4    1 
ATOM   318 O O4    . DT  B 1 6  ? -2.619  -0.297  -2.212  1.00 63.35 ? 6  DT  B O4    1 
ATOM   319 C C5    . DT  B 1 6  ? -4.381  -0.707  -0.736  1.00 69.71 ? 6  DT  B C5    1 
ATOM   320 C C7    . DT  B 1 6  ? -5.144  -1.525  -1.718  1.00 66.56 ? 6  DT  B C7    1 
ATOM   321 C C6    . DT  B 1 6  ? -4.820  -0.474  0.501   1.00 72.55 ? 6  DT  B C6    1 
ATOM   322 P P     . DC  B 1 7  ? -7.291  2.395   5.757   1.00 93.66 ? 7  DC  B P     1 
ATOM   323 O OP1   . DC  B 1 7  ? -7.401  2.433   7.224   1.00 99.93 ? 7  DC  B OP1   1 
ATOM   324 O OP2   . DC  B 1 7  ? -8.435  1.941   4.943   1.00 98.91 ? 7  DC  B OP2   1 
ATOM   325 O "O5'" . DC  B 1 7  ? -6.689  3.734   5.184   1.00 99.93 ? 7  DC  B "O5'" 1 
ATOM   326 C "C5'" . DC  B 1 7  ? -6.111  3.702   3.890   1.00 99.93 ? 7  DC  B "C5'" 1 
ATOM   327 C "C4'" . DC  B 1 7  ? -5.232  4.902   3.660   1.00 97.92 ? 7  DC  B "C4'" 1 
ATOM   328 O "O4'" . DC  B 1 7  ? -4.480  4.562   2.478   1.00 96.98 ? 7  DC  B "O4'" 1 
ATOM   329 C "C3'" . DC  B 1 7  ? -5.972  6.191   3.338   1.00 92.97 ? 7  DC  B "C3'" 1 
ATOM   330 O "O3'" . DC  B 1 7  ? -5.282  7.331   3.889   1.00 87.04 ? 7  DC  B "O3'" 1 
ATOM   331 C "C2'" . DC  B 1 7  ? -6.082  6.174   1.814   1.00 90.89 ? 7  DC  B "C2'" 1 
ATOM   332 C "C1'" . DC  B 1 7  ? -5.027  5.175   1.325   1.00 90.92 ? 7  DC  B "C1'" 1 
ATOM   333 N N1    . DC  B 1 7  ? -5.507  4.087   0.457   1.00 83.60 ? 7  DC  B N1    1 
ATOM   334 C C2    . DC  B 1 7  ? -4.676  3.608   -0.617  1.00 85.86 ? 7  DC  B C2    1 
ATOM   335 O O2    . DC  B 1 7  ? -3.581  4.135   -0.832  1.00 77.94 ? 7  DC  B O2    1 
ATOM   336 N N3    . DC  B 1 7  ? -5.123  2.604   -1.391  1.00 82.41 ? 7  DC  B N3    1 
ATOM   337 C C4    . DC  B 1 7  ? -6.323  2.068   -1.132  1.00 85.38 ? 7  DC  B C4    1 
ATOM   338 N N4    . DC  B 1 7  ? -6.761  1.073   -1.924  1.00 87.67 ? 7  DC  B N4    1 
ATOM   339 C C5    . DC  B 1 7  ? -7.154  2.532   -0.047  1.00 82.74 ? 7  DC  B C5    1 
ATOM   340 C C6    . DC  B 1 7  ? -6.704  3.519   0.707   1.00 80.26 ? 7  DC  B C6    1 
ATOM   341 P P     . DT  B 1 8  ? -5.795  8.757   3.588   1.00 84.17 ? 8  DT  B P     1 
ATOM   342 O OP1   . DT  B 1 8  ? -5.086  9.719   4.516   1.00 91.30 ? 8  DT  B OP1   1 
ATOM   343 O OP2   . DT  B 1 8  ? -7.289  8.695   3.602   1.00 89.12 ? 8  DT  B OP2   1 
ATOM   344 O "O5'" . DT  B 1 8  ? -5.384  8.903   2.042   1.00 88.50 ? 8  DT  B "O5'" 1 
ATOM   345 C "C5'" . DT  B 1 8  ? -4.037  8.935   1.576   1.00 78.44 ? 8  DT  B "C5'" 1 
ATOM   346 C "C4'" . DT  B 1 8  ? -4.043  9.254   0.105   1.00 73.36 ? 8  DT  B "C4'" 1 
ATOM   347 O "O4'" . DT  B 1 8  ? -4.388  8.119   -0.711  1.00 65.95 ? 8  DT  B "O4'" 1 
ATOM   348 C "C3'" . DT  B 1 8  ? -5.091  10.303  -0.195  1.00 72.93 ? 8  DT  B "C3'" 1 
ATOM   349 O "O3'" . DT  B 1 8  ? -4.568  11.131  -1.150  1.00 85.78 ? 8  DT  B "O3'" 1 
ATOM   350 C "C2'" . DT  B 1 8  ? -6.226  9.532   -0.805  1.00 60.61 ? 8  DT  B "C2'" 1 
ATOM   351 C "C1'" . DT  B 1 8  ? -5.438  8.525   -1.564  1.00 61.45 ? 8  DT  B "C1'" 1 
ATOM   352 N N1    . DT  B 1 8  ? -6.212  7.359   -1.902  1.00 64.20 ? 8  DT  B N1    1 
ATOM   353 C C2    . DT  B 1 8  ? -5.675  6.523   -2.852  1.00 55.52 ? 8  DT  B C2    1 
ATOM   354 O O2    . DT  B 1 8  ? -4.611  6.742   -3.390  1.00 57.49 ? 8  DT  B O2    1 
ATOM   355 N N3    . DT  B 1 8  ? -6.442  5.416   -3.143  1.00 54.74 ? 8  DT  B N3    1 
ATOM   356 C C4    . DT  B 1 8  ? -7.683  5.081   -2.590  1.00 59.35 ? 8  DT  B C4    1 
ATOM   357 O O4    . DT  B 1 8  ? -8.255  4.068   -2.962  1.00 62.89 ? 8  DT  B O4    1 
ATOM   358 C C5    . DT  B 1 8  ? -8.194  6.011   -1.589  1.00 60.89 ? 8  DT  B C5    1 
ATOM   359 C C7    . DT  B 1 8  ? -9.510  5.722   -0.926  1.00 66.96 ? 8  DT  B C7    1 
ATOM   360 C C6    . DT  B 1 8  ? -7.441  7.099   -1.300  1.00 65.20 ? 8  DT  B C6    1 
ATOM   361 P P     . DG  B 1 9  ? -4.688  12.697  -0.948  1.00 96.67 ? 9  DG  B P     1 
ATOM   362 O OP1   . DG  B 1 9  ? -3.739  13.227  0.090   1.00 96.96 ? 9  DG  B OP1   1 
ATOM   363 O OP2   . DG  B 1 9  ? -6.158  12.916  -0.794  1.00 98.20 ? 9  DG  B OP2   1 
ATOM   364 O "O5'" . DG  B 1 9  ? -4.180  13.151  -2.383  1.00 96.49 ? 9  DG  B "O5'" 1 
ATOM   365 C "C5'" . DG  B 1 9  ? -2.976  12.606  -2.917  1.00 88.46 ? 9  DG  B "C5'" 1 
ATOM   366 C "C4'" . DG  B 1 9  ? -3.193  12.204  -4.359  1.00 84.30 ? 9  DG  B "C4'" 1 
ATOM   367 O "O4'" . DG  B 1 9  ? -4.115  11.094  -4.346  1.00 76.23 ? 9  DG  B "O4'" 1 
ATOM   368 C "C3'" . DG  B 1 9  ? -3.835  13.290  -5.240  1.00 86.66 ? 9  DG  B "C3'" 1 
ATOM   369 O "O3'" . DG  B 1 9  ? -3.072  13.507  -6.453  1.00 94.40 ? 9  DG  B "O3'" 1 
ATOM   370 C "C2'" . DG  B 1 9  ? -5.238  12.758  -5.503  1.00 80.64 ? 9  DG  B "C2'" 1 
ATOM   371 C "C1'" . DG  B 1 9  ? -5.046  11.258  -5.394  1.00 65.49 ? 9  DG  B "C1'" 1 
ATOM   372 N N9    . DG  B 1 9  ? -6.233  10.484  -5.037  1.00 45.91 ? 9  DG  B N9    1 
ATOM   373 C C8    . DG  B 1 9  ? -7.138  10.760  -4.051  1.00 44.44 ? 9  DG  B C8    1 
ATOM   374 N N7    . DG  B 1 9  ? -8.084  9.873   -3.957  1.00 42.35 ? 9  DG  B N7    1 
ATOM   375 C C5    . DG  B 1 9  ? -7.794  8.960   -4.946  1.00 39.08 ? 9  DG  B C5    1 
ATOM   376 C C6    . DG  B 1 9  ? -8.452  7.820   -5.326  1.00 44.10 ? 9  DG  B C6    1 
ATOM   377 O O6    . DG  B 1 9  ? -9.490  7.338   -4.857  1.00 56.15 ? 9  DG  B O6    1 
ATOM   378 N N1    . DG  B 1 9  ? -7.814  7.191   -6.356  1.00 43.22 ? 9  DG  B N1    1 
ATOM   379 C C2    . DG  B 1 9  ? -6.658  7.628   -6.943  1.00 40.49 ? 9  DG  B C2    1 
ATOM   380 N N2    . DG  B 1 9  ? -6.169  6.864   -7.926  1.00 59.52 ? 9  DG  B N2    1 
ATOM   381 N N3    . DG  B 1 9  ? -6.026  8.709   -6.610  1.00 37.14 ? 9  DG  B N3    1 
ATOM   382 C C4    . DG  B 1 9  ? -6.645  9.324   -5.615  1.00 40.82 ? 9  DG  B C4    1 
ATOM   383 P P     . DG  B 1 10 ? -3.192  14.898  -7.246  1.00 94.95 ? 10 DG  B P     1 
ATOM   384 O OP1   . DG  B 1 10 ? -1.879  15.229  -7.860  1.00 95.19 ? 10 DG  B OP1   1 
ATOM   385 O OP2   . DG  B 1 10 ? -3.863  15.888  -6.376  1.00 99.93 ? 10 DG  B OP2   1 
ATOM   386 O "O5'" . DG  B 1 10 ? -4.217  14.560  -8.408  1.00 92.95 ? 10 DG  B "O5'" 1 
ATOM   387 C "C5'" . DG  B 1 10 ? -3.746  14.402  -9.714  1.00 83.72 ? 10 DG  B "C5'" 1 
ATOM   388 C "C4'" . DG  B 1 10 ? -4.210  13.087  -10.280 1.00 78.31 ? 10 DG  B "C4'" 1 
ATOM   389 O "O4'" . DG  B 1 10 ? -5.039  12.317  -9.355  1.00 65.89 ? 10 DG  B "O4'" 1 
ATOM   390 C "C3'" . DG  B 1 10 ? -5.072  13.371  -11.505 1.00 78.19 ? 10 DG  B "C3'" 1 
ATOM   391 O "O3'" . DG  B 1 10 ? -4.736  12.469  -12.547 1.00 83.83 ? 10 DG  B "O3'" 1 
ATOM   392 C "C2'" . DG  B 1 10 ? -6.480  13.173  -10.977 1.00 74.15 ? 10 DG  B "C2'" 1 
ATOM   393 C "C1'" . DG  B 1 10 ? -6.268  12.017  -10.014 1.00 65.58 ? 10 DG  B "C1'" 1 
ATOM   394 N N9    . DG  B 1 10 ? -7.317  11.794  -9.014  1.00 54.02 ? 10 DG  B N9    1 
ATOM   395 C C8    . DG  B 1 10 ? -7.696  12.631  -7.989  1.00 54.63 ? 10 DG  B C8    1 
ATOM   396 N N7    . DG  B 1 10 ? -8.664  12.147  -7.245  1.00 54.93 ? 10 DG  B N7    1 
ATOM   397 C C5    . DG  B 1 10 ? -8.947  10.910  -7.815  1.00 51.11 ? 10 DG  B C5    1 
ATOM   398 C C6    . DG  B 1 10 ? -9.890  9.917   -7.428  1.00 53.90 ? 10 DG  B C6    1 
ATOM   399 O O6    . DG  B 1 10 ? -10.687 9.926   -6.461  1.00 52.01 ? 10 DG  B O6    1 
ATOM   400 N N1    . DG  B 1 10 ? -9.844  8.814   -8.297  1.00 56.49 ? 10 DG  B N1    1 
ATOM   401 C C2    . DG  B 1 10 ? -8.997  8.685   -9.385  1.00 43.56 ? 10 DG  B C2    1 
ATOM   402 N N2    . DG  B 1 10 ? -9.086  7.561   -10.109 1.00 53.00 ? 10 DG  B N2    1 
ATOM   403 N N3    . DG  B 1 10 ? -8.120  9.598   -9.732  1.00 45.79 ? 10 DG  B N3    1 
ATOM   404 C C4    . DG  B 1 10 ? -8.141  10.679  -8.914  1.00 45.93 ? 10 DG  B C4    1 
HETATM 405 N N1    . HP2 C 2 .  ? 1.348   3.694   4.119   1.00 67.20 ? 12 HP2 A N1    1 
HETATM 406 C C1    . HP2 C 2 .  ? 1.086   1.598   5.455   1.00 72.93 ? 12 HP2 A C1    1 
HETATM 407 C C8    . HP2 C 2 .  ? 0.863   3.496   6.678   1.00 75.78 ? 12 HP2 A C8    1 
HETATM 408 N N3    . HP2 C 2 .  ? 0.628   2.410   7.596   1.00 73.22 ? 12 HP2 A N3    1 
HETATM 409 C C6    . HP2 C 2 .  ? 1.149   2.977   5.327   1.00 72.77 ? 12 HP2 A C6    1 
HETATM 410 C C9    . HP2 C 2 .  ? 0.327   2.610   8.978   1.00 64.02 ? 12 HP2 A C9    1 
HETATM 411 C C10   . HP2 C 2 .  ? 0.789   1.269   6.763   1.00 70.67 ? 12 HP2 A C10   1 
HETATM 412 C C11   . HP2 C 2 .  ? 0.721   0.044   7.292   1.00 66.06 ? 12 HP2 A C11   1 
HETATM 413 O O2    . HP2 C 2 .  ? 0.456   0.027   8.365   1.00 71.75 ? 12 HP2 A O2    1 
HETATM 414 N N4    . HP2 C 2 .  ? 0.944   -0.944  6.452   1.00 67.95 ? 12 HP2 A N4    1 
HETATM 415 C C12   . HP2 C 2 .  ? 0.947   -2.245  7.034   1.00 71.18 ? 12 HP2 A C12   1 
HETATM 416 C C13   . HP2 C 2 .  ? 1.628   -3.396  6.414   1.00 74.72 ? 12 HP2 A C13   1 
HETATM 417 C C14   . HP2 C 2 .  ? 0.240   -2.713  8.057   1.00 73.47 ? 12 HP2 A C14   1 
HETATM 418 N N5    . HP2 C 2 .  ? 0.414   -4.028  8.212   1.00 77.61 ? 12 HP2 A N5    1 
HETATM 419 C C15   . HP2 C 2 .  ? -0.326  -4.807  9.279   1.00 77.56 ? 12 HP2 A C15   1 
HETATM 420 C C16   . HP2 C 2 .  ? 1.212   -4.482  7.289   1.00 79.90 ? 12 HP2 A C16   1 
HETATM 421 C C23   . HP2 C 2 .  ? 1.482   -5.857  7.047   1.00 91.60 ? 12 HP2 A C23   1 
HETATM 422 O O3    . HP2 C 2 .  ? 0.558   -6.752  7.582   1.00 99.93 ? 12 HP2 A O3    1 
HETATM 423 N N7    A HP2 C 2 .  ? -1.818  -10.992 6.706   0.59 99.92 ? 12 HP2 A N7    1 
HETATM 424 N N7    B HP2 C 2 .  ? 7.019   -13.069 3.856   0.70 99.91 ? 12 HP2 A N7    1 
HETATM 425 C C21   A HP2 C 2 .  ? -2.393  -9.672  6.600   0.59 99.93 ? 12 HP2 A C21   1 
HETATM 426 C C21   B HP2 C 2 .  ? 7.216   -14.502 4.057   0.70 99.93 ? 12 HP2 A C21   1 
HETATM 427 C C22   A HP2 C 2 .  ? -2.662  -12.023 6.082   0.59 99.92 ? 12 HP2 A C22   1 
HETATM 428 C C22   B HP2 C 2 .  ? 8.240   -12.383 3.446   0.70 99.91 ? 12 HP2 A C22   1 
HETATM 429 C C20   A HP2 C 2 .  ? -0.408  -11.032 6.253   0.59 99.92 ? 12 HP2 A C20   1 
HETATM 430 C C20   B HP2 C 2 .  ? 5.841   -12.756 2.971   0.70 99.93 ? 12 HP2 A C20   1 
HETATM 431 C C18   A HP2 C 2 .  ? 1.713   -12.137 5.310   0.59 99.93 ? 12 HP2 A C18   1 
HETATM 432 C C18   B HP2 C 2 .  ? 3.745   -11.180 3.353   0.70 99.89 ? 12 HP2 A C18   1 
HETATM 433 C C19   A HP2 C 2 .  ? 0.203   -12.265 5.516   0.59 99.93 ? 12 HP2 A C19   1 
HETATM 434 C C19   B HP2 C 2 .  ? 5.196   -11.349 2.887   0.70 99.93 ? 12 HP2 A C19   1 
HETATM 435 N N6    A HP2 C 2 .  ? 2.055   -10.830 5.908   0.59 99.93 ? 12 HP2 A N6    1 
HETATM 436 N N6    B HP2 C 2 .  ? 3.587   -10.041 4.304   0.70 99.93 ? 12 HP2 A N6    1 
HETATM 437 C C3    . HP2 C 2 .  ? 2.417   8.311   3.839   1.00 65.31 ? 12 HP2 A C3    1 
HETATM 438 N N     . HP2 C 2 .  ? 2.038   7.299   2.837   1.00 73.85 ? 12 HP2 A N     1 
HETATM 439 C C2    . HP2 C 2 .  ? 1.959   7.601   1.475   1.00 74.61 ? 12 HP2 A C2    1 
HETATM 440 N N8    . HP2 C 2 .  ? 1.407   6.279   -0.755  1.00 76.22 ? 12 HP2 A N8    1 
HETATM 441 C C     . HP2 C 2 .  ? 1.571   6.406   0.671   1.00 76.86 ? 12 HP2 A C     1 
HETATM 442 C C32   . HP2 C 2 .  ? 1.435   5.290   1.601   1.00 72.28 ? 12 HP2 A C32   1 
HETATM 443 C C4    . HP2 C 2 .  ? 1.708   5.793   2.942   1.00 72.23 ? 12 HP2 A C4    1 
HETATM 444 C C5    . HP2 C 2 .  ? 1.610   5.011   4.176   1.00 69.28 ? 12 HP2 A C5    1 
HETATM 445 O O1    . HP2 C 2 .  ? 1.768   5.602   5.281   1.00 67.79 ? 12 HP2 A O1    1 
HETATM 446 C C28   . HP2 C 2 .  ? 3.102   8.802   -4.176  1.00 79.32 ? 12 HP2 A C28   1 
HETATM 447 N N9    . HP2 C 2 .  ? 2.160   7.625   -4.141  1.00 79.94 ? 12 HP2 A N9    1 
HETATM 448 C C27   . HP2 C 2 .  ? 1.713   6.968   -5.303  1.00 80.64 ? 12 HP2 A C27   1 
HETATM 449 C C26   . HP2 C 2 .  ? 0.844   5.961   -4.940  1.00 81.21 ? 12 HP2 A C26   1 
HETATM 450 N N10   . HP2 C 2 .  ? 0.704   5.948   -3.591  1.00 80.06 ? 12 HP2 A N10   1 
HETATM 451 C C25   . HP2 C 2 .  ? 1.502   6.983   -3.084  1.00 78.99 ? 12 HP2 A C25   1 
HETATM 452 C C24   . HP2 C 2 .  ? 1.711   7.281   -1.687  1.00 80.02 ? 12 HP2 A C24   1 
HETATM 453 O O4    . HP2 C 2 .  ? 2.153   8.449   -1.385  1.00 74.07 ? 12 HP2 A O4    1 
HETATM 454 O O5    A HP2 C 2 .  ? 3.492   -9.977  4.475   0.59 99.93 ? 12 HP2 A O5    1 
HETATM 455 O O5    B HP2 C 2 .  ? 2.070   -10.856 5.735   0.70 99.93 ? 12 HP2 A O5    1 
HETATM 456 C C31   A HP2 C 2 .  ? 2.780   -9.846  5.472   0.59 99.93 ? 12 HP2 A C31   1 
HETATM 457 C C31   B HP2 C 2 .  ? 2.796   -9.926  5.410   0.70 99.93 ? 12 HP2 A C31   1 
HETATM 458 C C30   A HP2 C 2 .  ? 2.739   -8.618  6.325   0.59 99.93 ? 12 HP2 A C30   1 
HETATM 459 C C30   B HP2 C 2 .  ? 2.729   -8.675  6.283   0.70 99.92 ? 12 HP2 A C30   1 
HETATM 460 C C29   . HP2 C 2 .  ? 3.341   -7.284  5.979   1.00 99.93 ? 12 HP2 A C29   1 
HETATM 461 N N11   . HP2 C 2 .  ? 2.488   -6.072  6.337   1.00 97.62 ? 12 HP2 A N11   1 
HETATM 462 O O6    . HP2 C 2 .  ? 1.464   0.724   4.513   1.00 73.04 ? 12 HP2 A O6    1 
HETATM 463 N N1    . HP2 D 2 .  ? -2.218  2.893   4.227   1.00 80.21 ? 11 HP2 B N1    1 
HETATM 464 C C1    . HP2 D 2 .  ? -1.987  4.750   2.543   1.00 87.40 ? 11 HP2 B C1    1 
HETATM 465 C C8    . HP2 D 2 .  ? -2.361  5.381   4.668   1.00 86.80 ? 11 HP2 B C8    1 
HETATM 466 N N3    . HP2 D 2 .  ? -2.259  6.538   3.944   1.00 85.80 ? 11 HP2 B N3    1 
HETATM 467 C C6    . HP2 D 2 .  ? -2.200  4.254   3.837   1.00 85.40 ? 11 HP2 B C6    1 
HETATM 468 C C9    . HP2 D 2 .  ? -2.448  7.874   4.571   1.00 89.14 ? 11 HP2 B C9    1 
HETATM 469 C C10   . HP2 D 2 .  ? -2.044  6.136   2.626   1.00 88.32 ? 11 HP2 B C10   1 
HETATM 470 C C11   . HP2 D 2 .  ? -1.796  7.037   1.584   1.00 87.57 ? 11 HP2 B C11   1 
HETATM 471 O O2    . HP2 D 2 .  ? -1.309  8.118   1.930   1.00 83.51 ? 11 HP2 B O2    1 
HETATM 472 N N4    . HP2 D 2 .  ? -2.094  6.775   0.283   1.00 82.90 ? 11 HP2 B N4    1 
HETATM 473 C C12   . HP2 D 2 .  ? -1.752  7.701   -0.716  1.00 88.27 ? 11 HP2 B C12   1 
HETATM 474 C C13   . HP2 D 2 .  ? -2.091  7.669   -2.080  1.00 84.94 ? 11 HP2 B C13   1 
HETATM 475 C C14   . HP2 D 2 .  ? -0.953  8.846   -0.540  1.00 89.93 ? 11 HP2 B C14   1 
HETATM 476 N N5    . HP2 D 2 .  ? -0.784  9.534   -1.710  1.00 89.93 ? 11 HP2 B N5    1 
HETATM 477 C C15   . HP2 D 2 .  ? 0.030   10.801  -1.781  1.00 87.93 ? 11 HP2 B C15   1 
HETATM 478 C C16   . HP2 D 2 .  ? -1.487  8.800   -2.678  1.00 88.90 ? 11 HP2 B C16   1 
HETATM 479 C C23   . HP2 D 2 .  ? -1.584  9.171   -4.011  1.00 89.42 ? 11 HP2 B C23   1 
HETATM 480 O O3    . HP2 D 2 .  ? -0.719  9.904   -4.486  1.00 99.93 ? 11 HP2 B O3    1 
HETATM 481 N N7    . HP2 D 2 .  ? -5.916  7.948   -11.958 1.00 89.93 ? 11 HP2 B N7    1 
HETATM 482 C C21   . HP2 D 2 .  ? -6.740  6.770   -12.303 1.00 99.91 ? 11 HP2 B C21   1 
HETATM 483 C C22   . HP2 D 2 .  ? -5.975  8.301   -10.535 1.00 99.92 ? 11 HP2 B C22   1 
HETATM 484 C C20   . HP2 D 2 .  ? -4.498  7.870   -12.436 1.00 99.93 ? 11 HP2 B C20   1 
HETATM 485 C C18   . HP2 D 2 .  ? -2.395  8.002   -10.852 1.00 99.93 ? 11 HP2 B C18   1 
HETATM 486 C C19   . HP2 D 2 .  ? -3.411  8.724   -11.738 1.00 99.93 ? 11 HP2 B C19   1 
HETATM 487 N N6    . HP2 D 2 .  ? -2.789  7.957   -9.440  1.00 99.93 ? 11 HP2 B N6    1 
HETATM 488 C C3    . HP2 D 2 .  ? -3.699  1.201   8.133   1.00 77.18 ? 11 HP2 B C3    1 
HETATM 489 N N     . HP2 D 2 .  ? -3.060  0.593   6.960   1.00 68.52 ? 11 HP2 B N     1 
HETATM 490 C C2    . HP2 D 2 .  ? -2.879  -0.751  6.849   1.00 73.65 ? 11 HP2 B C2    1 
HETATM 491 N N8    . HP2 D 2 .  ? -1.614  -2.031  5.078   1.00 85.85 ? 11 HP2 B N8    1 
HETATM 492 C C     . HP2 D 2 .  ? -2.242  -1.049  5.644   1.00 77.59 ? 11 HP2 B C     1 
HETATM 493 C C32   . HP2 D 2 .  ? -2.029  0.162   5.023   1.00 73.21 ? 11 HP2 B C32   1 
HETATM 494 C C4    . HP2 D 2 .  ? -2.529  1.149   5.814   1.00 70.42 ? 11 HP2 B C4    1 
HETATM 495 C C5    . HP2 D 2 .  ? -2.515  2.497   5.500   1.00 72.03 ? 11 HP2 B C5    1 
HETATM 496 O O1    . HP2 D 2 .  ? -2.791  3.290   6.412   1.00 80.62 ? 11 HP2 B O1    1 
HETATM 497 C C28   . HP2 D 2 .  ? -2.652  -6.203  6.316   1.00 87.32 ? 11 HP2 B C28   1 
HETATM 498 N N9    . HP2 D 2 .  ? -1.814  -5.673  5.214   1.00 90.10 ? 11 HP2 B N9    1 
HETATM 499 C C27   . HP2 D 2 .  ? -1.103  -6.499  4.345   1.00 87.47 ? 11 HP2 B C27   1 
HETATM 500 C C26   . HP2 D 2 .  ? -0.429  -5.701  3.451   1.00 89.40 ? 11 HP2 B C26   1 
HETATM 501 N N10   . HP2 D 2 .  ? -0.705  -4.365  3.740   1.00 87.33 ? 11 HP2 B N10   1 
HETATM 502 C C25   . HP2 D 2 .  ? -1.547  -4.361  4.819   1.00 82.57 ? 11 HP2 B C25   1 
HETATM 503 C C24   . HP2 D 2 .  ? -2.067  -3.197  5.453   1.00 81.18 ? 11 HP2 B C24   1 
HETATM 504 O O4    . HP2 D 2 .  ? -2.879  -3.360  6.403   1.00 87.92 ? 11 HP2 B O4    1 
HETATM 505 O O5    . HP2 D 2 .  ? -0.844  8.634   -8.578  1.00 99.93 ? 11 HP2 B O5    1 
HETATM 506 C C31   . HP2 D 2 .  ? -1.996  8.254   -8.419  1.00 99.93 ? 11 HP2 B C31   1 
HETATM 507 C C30   . HP2 D 2 .  ? -2.518  8.066   -7.018  1.00 99.92 ? 11 HP2 B C30   1 
HETATM 508 C C29   . HP2 D 2 .  ? -2.900  9.194   -6.104  1.00 99.93 ? 11 HP2 B C29   1 
HETATM 509 N N11   . HP2 D 2 .  ? -2.647  8.832   -4.708  1.00 99.93 ? 11 HP2 B N11   1 
HETATM 510 O O6    . HP2 D 2 .  ? -1.762  4.033   1.433   1.00 86.36 ? 11 HP2 B O6    1 
HETATM 511 O O     . HOH E 3 .  ? -0.921  5.920   -7.261  1.00 49.05 ? 23 HOH A O     1 
HETATM 512 O O     . HOH E 3 .  ? 7.997   -1.121  9.912   1.00 40.56 ? 24 HOH A O     1 
HETATM 513 O O     . HOH E 3 .  ? 9.257   -7.765  12.677  1.00 43.14 ? 25 HOH A O     1 
HETATM 514 O O     . HOH E 3 .  ? 0.164   -3.049  -5.421  1.00 56.75 ? 26 HOH A O     1 
HETATM 515 O O     . HOH E 3 .  ? 3.851   6.282   -8.188  1.00 59.90 ? 27 HOH A O     1 
HETATM 516 O O     . HOH E 3 .  ? 4.718   -19.047 5.319   1.00 76.01 ? 31 HOH A O     1 
HETATM 517 O O     . HOH E 3 .  ? -12.046 -1.035  -7.220  1.00 61.04 ? 32 HOH A O     1 
HETATM 518 O O     . HOH E 3 .  ? -1.318  -0.988  11.069  1.00 65.32 ? 34 HOH A O     1 
HETATM 519 O O     . HOH E 3 .  ? 10.532  0.432   3.450   1.00 58.09 ? 36 HOH A O     1 
HETATM 520 O O     . HOH E 3 .  ? 7.016   -11.867 6.113   1.00 48.04 ? 37 HOH A O     1 
HETATM 521 O O     . HOH E 3 .  ? -11.046 6.292   -13.058 1.00 54.42 ? 42 HOH A O     1 
HETATM 522 O O     . HOH E 3 .  ? -3.262  -2.780  -10.498 1.00 62.67 ? 44 HOH A O     1 
HETATM 523 O O     . HOH E 3 .  ? -3.508  -0.720  -5.511  1.00 65.29 ? 48 HOH A O     1 
HETATM 524 O O     . HOH E 3 .  ? 9.668   0.571   12.851  1.00 63.27 ? 50 HOH A O     1 
HETATM 525 O O     . HOH E 3 .  ? 8.300   -8.918  15.493  1.00 51.53 ? 51 HOH A O     1 
HETATM 526 O O     . HOH E 3 .  ? -3.901  -3.790  -6.449  1.00 53.37 ? 56 HOH A O     1 
HETATM 527 O O     . HOH E 3 .  ? -1.686  -7.756  9.678   1.00 62.11 ? 60 HOH A O     1 
HETATM 528 O O     . HOH E 3 .  ? -4.301  3.313   -16.551 1.00 60.60 ? 67 HOH A O     1 
HETATM 529 O O     . HOH E 3 .  ? -13.840 6.669   -4.052  1.00 68.52 ? 68 HOH A O     1 
HETATM 530 O O     . HOH E 3 .  ? 4.875   -9.351  15.145  1.00 83.75 ? 70 HOH A O     1 
HETATM 531 O O     . HOH F 3 .  ? -3.176  -10.920 0.986   1.00 56.69 ? 29 HOH B O     1 
HETATM 532 O O     . HOH F 3 .  ? 6.608   -14.150 -4.857  1.00 72.39 ? 30 HOH B O     1 
HETATM 533 O O     . HOH F 3 .  ? -5.567  -5.796  6.975   1.00 59.65 ? 33 HOH B O     1 
HETATM 534 O O     . HOH F 3 .  ? -9.089  8.311   6.679   1.00 67.93 ? 38 HOH B O     1 
HETATM 535 O O     . HOH F 3 .  ? -2.125  11.034  0.014   1.00 60.16 ? 40 HOH B O     1 
HETATM 536 O O     . HOH F 3 .  ? -11.362 11.993  -5.319  1.00 66.38 ? 41 HOH B O     1 
HETATM 537 O O     . HOH F 3 .  ? -5.968  -8.984  -4.604  1.00 59.74 ? 53 HOH B O     1 
HETATM 538 O O     . HOH F 3 .  ? -2.148  -10.154 -4.783  1.00 78.06 ? 61 HOH B O     1 
HETATM 539 O O     . HOH F 3 .  ? 0.440   16.708  -7.197  1.00 56.56 ? 63 HOH B O     1 
HETATM 540 O O     . HOH F 3 .  ? -10.793 3.754   -2.015  1.00 72.21 ? 71 HOH B O     1 
# 
